data_2BGG
#
_entry.id   2BGG
#
_cell.length_a   51.916
_cell.length_b   61.206
_cell.length_c   104.059
_cell.angle_alpha   76.54
_cell.angle_beta   76.14
_cell.angle_gamma   79.35
#
_symmetry.space_group_name_H-M   'P 1'
#
loop_
_entity.id
_entity.type
_entity.pdbx_description
1 polymer 'PROTEIN AF1318'
2 polymer "5'-R(*UP*UP*CP*GP*AP*CP*GP*CP)-3'"
3 polymer "5'-R(*GP*UP*CP*GP*AP*AP*UP*UP)-3'"
4 non-polymer 'MANGANESE (II) ION'
5 water water
#
loop_
_entity_poly.entity_id
_entity_poly.type
_entity_poly.pdbx_seq_one_letter_code
_entity_poly.pdbx_strand_id
1 'polypeptide(L)'
;MMEYKIVENGLTYRIGNGASVPISNTGELIKGLRNYGPYEVPSLKYNQIALIHNNQFSSLINQLKSQISSKIDEVWHIHN
INISEFIYDSPHFDSIKSQVDNAIDTGVDGIMLVLPEYNTPLYYKLKSYLINSIPSQFMRYDILSNRNLTFYVDNLLVQF
VSKLGGKPWILNVDPEKGSDIIIGTGATRIDNVNLFCFAMVFKKDGTMLWNEISPIVTSSEYLTYLKSTIKKVVYGFKKS
NPDWDVEKLTLHVSGKRPKMKDGETKILKETVEELKKQEMVSRDVKYAILHLNETHPFWVMGDPNNRFHPYEGTKVKLSS
KRYLLTLLQPYLKRNGLEMVTPIKPLSVEIVSDNWTSEEYYHNVHEILDEIYYLSKMNWRGFRSRNLPVTVNYPKLVAGI
IANVNRYGGYPINPEGNRSLQTNPWFL
;
A,B
2 'polyribonucleotide' UUCGACGC P,R
3 'polyribonucleotide' GUCGAAUU Q,S
#
loop_
_chem_comp.id
_chem_comp.type
_chem_comp.name
_chem_comp.formula
A RNA linking ADENOSINE-5'-MONOPHOSPHATE 'C10 H14 N5 O7 P'
C RNA linking CYTIDINE-5'-MONOPHOSPHATE 'C9 H14 N3 O8 P'
G RNA linking GUANOSINE-5'-MONOPHOSPHATE 'C10 H14 N5 O8 P'
MN non-polymer 'MANGANESE (II) ION' 'Mn 2'
U RNA linking URIDINE-5'-MONOPHOSPHATE 'C9 H13 N2 O9 P'
#
# COMPACT_ATOMS: atom_id res chain seq x y z
N LEU A 11 22.85 22.80 10.39
CA LEU A 11 22.81 22.29 11.81
C LEU A 11 21.90 21.05 12.08
N THR A 12 20.61 21.07 11.68
CA THR A 12 19.69 19.91 11.93
C THR A 12 18.86 19.59 10.68
N TYR A 13 18.42 18.34 10.59
CA TYR A 13 17.47 17.84 9.59
C TYR A 13 16.02 17.82 10.14
N ARG A 14 15.12 18.42 9.39
CA ARG A 14 13.72 18.38 9.76
C ARG A 14 13.11 17.06 9.22
N ILE A 15 12.53 16.23 10.10
CA ILE A 15 11.84 15.01 9.62
C ILE A 15 10.32 15.16 9.91
N GLY A 16 9.58 14.09 10.18
CA GLY A 16 8.12 14.19 10.39
C GLY A 16 7.66 14.68 11.75
N ASN A 17 6.36 14.98 11.87
CA ASN A 17 5.76 15.41 13.13
C ASN A 17 6.43 16.61 13.84
N GLY A 18 7.09 17.48 13.06
CA GLY A 18 7.77 18.66 13.67
C GLY A 18 9.11 18.39 14.35
N ALA A 19 9.62 17.16 14.21
CA ALA A 19 10.91 16.75 14.81
C ALA A 19 12.14 17.16 13.99
N SER A 20 13.26 17.45 14.69
CA SER A 20 14.55 17.76 14.02
C SER A 20 15.66 16.97 14.70
N VAL A 21 16.58 16.41 13.90
CA VAL A 21 17.62 15.57 14.44
C VAL A 21 18.95 16.20 13.98
N PRO A 22 19.99 16.12 14.80
CA PRO A 22 21.35 16.60 14.33
C PRO A 22 21.87 15.95 13.02
N ILE A 23 22.64 16.74 12.27
CA ILE A 23 23.28 16.21 11.04
C ILE A 23 24.45 15.35 11.55
N SER A 24 25.20 14.68 10.67
CA SER A 24 26.46 13.98 11.03
C SER A 24 26.27 12.82 12.01
N ASN A 25 25.10 12.20 12.01
CA ASN A 25 24.89 11.05 12.85
C ASN A 25 23.81 10.21 12.23
N THR A 26 24.19 9.17 11.49
CA THR A 26 23.20 8.37 10.74
C THR A 26 22.39 7.51 11.64
N GLY A 27 22.95 7.05 12.74
CA GLY A 27 22.10 6.20 13.59
C GLY A 27 20.94 6.99 14.27
N GLU A 28 21.23 8.22 14.66
CA GLU A 28 20.22 9.12 15.17
C GLU A 28 19.18 9.55 14.13
N LEU A 29 19.57 9.72 12.88
CA LEU A 29 18.58 10.01 11.80
C LEU A 29 17.57 8.83 11.59
N ILE A 30 18.07 7.59 11.49
CA ILE A 30 17.26 6.37 11.38
C ILE A 30 16.29 6.14 12.57
N LYS A 31 16.84 6.22 13.78
CA LYS A 31 16.01 6.19 15.01
C LYS A 31 14.97 7.34 14.97
N GLY A 32 15.34 8.54 14.54
CA GLY A 32 14.39 9.62 14.32
C GLY A 32 13.21 9.29 13.37
N LEU A 33 13.49 8.73 12.21
CA LEU A 33 12.50 8.28 11.29
C LEU A 33 11.57 7.21 11.86
N ARG A 34 12.09 6.16 12.52
CA ARG A 34 11.23 5.19 13.27
C ARG A 34 10.28 5.86 14.24
N ASN A 35 10.78 6.81 15.05
CA ASN A 35 9.91 7.53 15.97
C ASN A 35 8.84 8.48 15.34
N TYR A 36 9.23 9.33 14.40
CA TYR A 36 8.43 10.50 13.93
C TYR A 36 8.03 10.40 12.45
N GLY A 37 8.67 9.51 11.73
CA GLY A 37 8.41 9.45 10.28
C GLY A 37 9.29 10.37 9.44
N PRO A 38 9.20 10.21 8.11
CA PRO A 38 9.90 11.14 7.27
C PRO A 38 9.26 12.50 7.21
N TYR A 39 9.97 13.49 6.64
CA TYR A 39 9.32 14.81 6.43
C TYR A 39 8.00 14.74 5.67
N GLU A 40 7.98 13.97 4.57
CA GLU A 40 6.78 13.63 3.87
C GLU A 40 6.70 12.18 3.42
N VAL A 41 5.68 11.43 3.84
CA VAL A 41 5.46 10.03 3.33
C VAL A 41 5.01 10.11 1.85
N PRO A 42 5.47 9.22 0.96
CA PRO A 42 4.87 9.36 -0.38
C PRO A 42 3.38 8.91 -0.40
N SER A 43 2.60 9.53 -1.26
CA SER A 43 1.23 9.05 -1.52
C SER A 43 1.21 8.04 -2.72
N LEU A 44 0.65 6.88 -2.47
CA LEU A 44 0.76 5.78 -3.40
C LEU A 44 -0.62 5.55 -4.00
N LYS A 45 -0.66 5.01 -5.20
CA LYS A 45 -1.92 4.76 -5.90
C LYS A 45 -2.39 3.32 -5.71
N TYR A 46 -1.48 2.36 -5.83
CA TYR A 46 -1.81 0.98 -5.62
C TYR A 46 -1.55 0.44 -4.22
N ASN A 47 -0.54 0.95 -3.50
CA ASN A 47 -0.03 0.28 -2.29
C ASN A 47 0.57 -1.06 -2.61
N GLN A 48 1.31 -1.09 -3.68
CA GLN A 48 1.85 -2.33 -4.16
C GLN A 48 3.12 -2.01 -4.82
N ILE A 49 4.14 -2.84 -4.58
CA ILE A 49 5.43 -2.69 -5.19
C ILE A 49 5.82 -4.07 -5.73
N ALA A 50 6.58 -4.15 -6.82
CA ALA A 50 7.05 -5.45 -7.33
C ALA A 50 8.52 -5.71 -7.03
N LEU A 51 8.84 -6.94 -6.61
CA LEU A 51 10.23 -7.38 -6.56
C LEU A 51 10.47 -8.39 -7.70
N ILE A 52 11.42 -8.06 -8.55
CA ILE A 52 11.65 -8.82 -9.76
C ILE A 52 13.09 -9.39 -9.71
N HIS A 53 13.22 -10.73 -9.80
CA HIS A 53 14.49 -11.39 -9.59
C HIS A 53 14.51 -12.80 -10.23
N ASN A 54 15.69 -13.46 -10.26
CA ASN A 54 15.76 -14.85 -10.80
C ASN A 54 16.24 -15.93 -9.85
N ASN A 55 16.07 -15.75 -8.54
CA ASN A 55 16.61 -16.67 -7.53
C ASN A 55 15.55 -16.99 -6.45
N GLN A 56 14.57 -17.73 -6.90
CA GLN A 56 13.37 -18.07 -6.16
C GLN A 56 13.65 -18.81 -4.83
N PHE A 57 14.70 -19.61 -4.78
CA PHE A 57 14.98 -20.27 -3.52
C PHE A 57 16.12 -19.64 -2.72
N SER A 58 16.62 -18.48 -3.19
CA SER A 58 17.71 -17.79 -2.56
C SER A 58 17.34 -17.28 -1.18
N SER A 59 18.13 -17.67 -0.18
CA SER A 59 18.16 -17.02 1.14
C SER A 59 18.43 -15.52 1.20
N LEU A 60 19.43 -15.07 0.43
CA LEU A 60 19.73 -13.66 0.41
C LEU A 60 18.55 -12.85 -0.12
N ILE A 61 17.88 -13.29 -1.17
CA ILE A 61 16.72 -12.58 -1.70
C ILE A 61 15.53 -12.66 -0.72
N ASN A 62 15.37 -13.80 -0.07
CA ASN A 62 14.40 -13.94 1.00
C ASN A 62 14.54 -12.94 2.15
N GLN A 63 15.77 -12.77 2.62
CA GLN A 63 16.13 -11.78 3.64
C GLN A 63 16.02 -10.36 3.16
N LEU A 64 16.38 -10.15 1.89
CA LEU A 64 16.22 -8.82 1.27
C LEU A 64 14.75 -8.40 1.30
N LYS A 65 13.84 -9.28 0.84
CA LYS A 65 12.40 -9.00 0.81
C LYS A 65 11.84 -8.68 2.20
N SER A 66 12.29 -9.43 3.18
CA SER A 66 11.78 -9.29 4.54
C SER A 66 12.28 -7.99 5.21
N GLN A 67 13.54 -7.62 4.94
CA GLN A 67 14.02 -6.30 5.35
C GLN A 67 13.34 -5.11 4.68
N ILE A 68 13.14 -5.22 3.37
CA ILE A 68 12.51 -4.15 2.65
C ILE A 68 11.10 -4.01 3.25
N SER A 69 10.41 -5.12 3.42
CA SER A 69 9.09 -5.16 3.99
C SER A 69 8.97 -4.53 5.42
N SER A 70 9.90 -4.85 6.29
CA SER A 70 9.77 -4.31 7.60
C SER A 70 10.22 -2.82 7.73
N LYS A 71 11.20 -2.38 6.93
CA LYS A 71 11.73 -0.99 6.97
C LYS A 71 10.83 0.02 6.31
N ILE A 72 10.24 -0.37 5.20
CA ILE A 72 9.27 0.40 4.50
C ILE A 72 8.17 0.81 5.47
N ASP A 73 7.70 -0.15 6.28
CA ASP A 73 6.65 0.06 7.27
C ASP A 73 7.19 0.83 8.49
N GLU A 74 8.30 0.40 9.07
CA GLU A 74 8.74 0.93 10.35
C GLU A 74 9.63 2.18 10.40
N VAL A 75 10.49 2.33 9.38
CA VAL A 75 11.42 3.50 9.29
C VAL A 75 10.62 4.55 8.47
N TRP A 76 9.98 4.09 7.40
CA TRP A 76 9.41 5.00 6.40
C TRP A 76 7.94 5.32 6.62
N HIS A 77 7.29 4.57 7.54
CA HIS A 77 5.87 4.76 7.87
C HIS A 77 4.96 4.69 6.66
N ILE A 78 5.36 3.90 5.68
CA ILE A 78 4.45 3.50 4.58
C ILE A 78 3.79 2.12 4.93
N HIS A 79 2.52 2.20 5.32
CA HIS A 79 1.86 1.07 6.01
C HIS A 79 1.06 0.17 5.04
N ASN A 80 0.93 -1.08 5.40
CA ASN A 80 0.15 -2.01 4.56
C ASN A 80 0.54 -2.10 3.06
N ILE A 81 1.81 -1.99 2.72
CA ILE A 81 2.17 -2.19 1.31
C ILE A 81 2.28 -3.67 1.08
N ASN A 82 1.83 -4.15 -0.08
N ASN A 82 1.90 -4.09 -0.12
CA ASN A 82 2.11 -5.51 -0.49
CA ASN A 82 2.15 -5.43 -0.56
C ASN A 82 3.29 -5.50 -1.48
C ASN A 82 3.31 -5.50 -1.54
N ILE A 83 4.21 -6.46 -1.30
CA ILE A 83 5.28 -6.70 -2.24
C ILE A 83 4.96 -7.98 -3.06
N SER A 84 4.85 -7.89 -4.38
CA SER A 84 4.55 -9.07 -5.21
C SER A 84 5.83 -9.51 -5.93
N GLU A 85 6.08 -10.81 -6.14
CA GLU A 85 7.34 -11.21 -6.75
C GLU A 85 7.15 -11.65 -8.16
N PHE A 86 8.14 -11.42 -9.02
CA PHE A 86 8.13 -11.82 -10.42
C PHE A 86 9.48 -12.43 -10.73
N ILE A 87 9.45 -13.67 -11.22
CA ILE A 87 10.67 -14.40 -11.49
C ILE A 87 10.93 -14.44 -12.98
N TYR A 88 12.11 -14.00 -13.40
CA TYR A 88 12.56 -14.26 -14.75
C TYR A 88 13.56 -15.44 -14.79
N ASP A 89 13.70 -16.04 -15.96
CA ASP A 89 14.41 -17.34 -16.03
C ASP A 89 15.62 -17.34 -16.99
N SER A 90 15.84 -16.24 -17.70
CA SER A 90 17.08 -16.03 -18.40
C SER A 90 17.55 -14.56 -18.08
N PRO A 91 18.87 -14.38 -17.84
CA PRO A 91 19.40 -13.08 -17.42
C PRO A 91 19.78 -12.20 -18.62
N HIS A 92 18.79 -11.88 -19.43
CA HIS A 92 19.01 -11.05 -20.61
C HIS A 92 17.81 -10.13 -20.85
N PHE A 93 18.06 -9.08 -21.64
CA PHE A 93 17.11 -7.95 -21.76
C PHE A 93 15.66 -8.38 -21.95
N ASP A 94 15.40 -9.22 -22.95
CA ASP A 94 14.03 -9.54 -23.32
C ASP A 94 13.26 -10.38 -22.28
N SER A 95 13.94 -11.21 -21.52
CA SER A 95 13.23 -12.04 -20.55
C SER A 95 12.87 -11.27 -19.24
N ILE A 96 13.78 -10.43 -18.79
CA ILE A 96 13.55 -9.56 -17.62
C ILE A 96 12.47 -8.50 -17.97
N LYS A 97 12.66 -7.85 -19.13
CA LYS A 97 11.67 -6.88 -19.63
C LYS A 97 10.25 -7.48 -19.68
N SER A 98 10.17 -8.74 -20.04
CA SER A 98 8.90 -9.43 -20.04
C SER A 98 8.25 -9.48 -18.61
N GLN A 99 9.03 -9.73 -17.54
CA GLN A 99 8.51 -9.68 -16.14
C GLN A 99 8.15 -8.25 -15.66
N VAL A 100 9.00 -7.30 -16.09
CA VAL A 100 8.77 -5.90 -15.88
C VAL A 100 7.37 -5.50 -16.43
N ASP A 101 7.10 -5.89 -17.69
CA ASP A 101 5.81 -5.67 -18.36
C ASP A 101 4.66 -6.36 -17.61
N ASN A 102 4.85 -7.60 -17.20
CA ASN A 102 3.86 -8.27 -16.35
C ASN A 102 3.53 -7.49 -15.07
N ALA A 103 4.57 -6.85 -14.48
CA ALA A 103 4.41 -6.14 -13.20
C ALA A 103 3.58 -4.89 -13.45
N ILE A 104 3.93 -4.16 -14.50
CA ILE A 104 3.30 -2.92 -14.83
C ILE A 104 1.81 -3.14 -15.16
N ASP A 105 1.45 -4.32 -15.65
CA ASP A 105 0.06 -4.62 -16.05
C ASP A 105 -0.76 -5.03 -14.83
N THR A 106 -0.04 -5.55 -13.88
CA THR A 106 -0.58 -5.88 -12.59
C THR A 106 -1.07 -4.65 -11.73
N GLY A 107 -0.55 -3.43 -11.95
CA GLY A 107 -0.86 -2.30 -11.10
C GLY A 107 0.11 -2.15 -9.92
N VAL A 108 1.24 -1.43 -10.12
CA VAL A 108 2.22 -1.25 -9.04
C VAL A 108 2.67 0.21 -8.95
N ASP A 109 3.07 0.63 -7.74
CA ASP A 109 3.65 2.00 -7.59
C ASP A 109 5.11 2.09 -7.98
N GLY A 110 5.81 0.97 -7.97
CA GLY A 110 7.21 1.03 -8.32
C GLY A 110 7.74 -0.37 -8.43
N ILE A 111 8.95 -0.48 -9.00
CA ILE A 111 9.54 -1.76 -9.27
C ILE A 111 10.94 -1.74 -8.66
N MET A 112 11.24 -2.82 -7.90
CA MET A 112 12.53 -3.18 -7.36
C MET A 112 13.06 -4.40 -8.15
N LEU A 113 14.13 -4.19 -8.89
CA LEU A 113 14.58 -5.16 -9.85
C LEU A 113 15.98 -5.60 -9.43
N VAL A 114 16.09 -6.92 -9.13
CA VAL A 114 17.39 -7.55 -8.84
C VAL A 114 18.05 -8.06 -10.11
N LEU A 115 19.15 -7.41 -10.50
CA LEU A 115 19.96 -7.79 -11.65
C LEU A 115 20.81 -8.99 -11.35
N PRO A 116 21.24 -9.70 -12.40
CA PRO A 116 21.73 -11.03 -12.04
C PRO A 116 23.20 -11.05 -11.66
N GLU A 117 24.06 -10.22 -12.26
CA GLU A 117 25.51 -10.54 -12.24
C GLU A 117 26.59 -9.44 -12.27
N TYR A 118 26.34 -8.42 -13.09
CA TYR A 118 27.34 -7.48 -13.64
C TYR A 118 27.27 -7.55 -15.16
N ASN A 119 26.60 -6.56 -15.73
CA ASN A 119 26.25 -6.52 -17.14
C ASN A 119 25.80 -5.10 -17.39
N THR A 120 26.77 -4.26 -17.75
CA THR A 120 26.61 -2.81 -17.84
C THR A 120 25.64 -2.36 -18.94
N PRO A 121 25.81 -2.85 -20.20
CA PRO A 121 24.80 -2.57 -21.24
C PRO A 121 23.35 -2.89 -20.78
N LEU A 122 23.15 -4.00 -20.08
CA LEU A 122 21.83 -4.45 -19.62
C LEU A 122 21.25 -3.53 -18.54
N TYR A 123 22.10 -3.07 -17.60
CA TYR A 123 21.67 -2.06 -16.62
C TYR A 123 21.12 -0.82 -17.33
N TYR A 124 21.92 -0.19 -18.18
CA TYR A 124 21.46 1.04 -18.89
C TYR A 124 20.23 0.85 -19.77
N LYS A 125 20.13 -0.30 -20.43
CA LYS A 125 18.96 -0.59 -21.26
C LYS A 125 17.65 -0.70 -20.47
N LEU A 126 17.67 -1.55 -19.44
CA LEU A 126 16.56 -1.68 -18.51
C LEU A 126 16.28 -0.36 -17.76
N LYS A 127 17.35 0.30 -17.31
CA LYS A 127 17.13 1.55 -16.51
C LYS A 127 16.46 2.66 -17.31
N SER A 128 16.84 2.81 -18.58
CA SER A 128 16.21 3.80 -19.46
C SER A 128 14.77 3.48 -19.85
N TYR A 129 14.44 2.23 -20.00
CA TYR A 129 13.07 1.81 -20.18
C TYR A 129 12.19 2.12 -18.91
N LEU A 130 12.76 1.92 -17.72
CA LEU A 130 11.97 2.16 -16.53
C LEU A 130 11.78 3.67 -16.14
N ILE A 131 12.82 4.50 -16.28
CA ILE A 131 12.77 5.95 -15.97
C ILE A 131 11.64 6.57 -16.79
N ASN A 132 11.56 6.10 -18.02
CA ASN A 132 10.44 6.35 -18.95
C ASN A 132 9.07 5.78 -18.56
N SER A 133 9.03 4.80 -17.66
CA SER A 133 7.77 4.10 -17.28
C SER A 133 7.24 4.40 -15.81
N ILE A 134 8.11 4.27 -14.78
CA ILE A 134 7.66 3.94 -13.42
C ILE A 134 8.85 4.03 -12.43
N PRO A 135 8.62 4.51 -11.18
CA PRO A 135 9.76 4.55 -10.25
C PRO A 135 10.37 3.12 -10.06
N SER A 136 11.70 3.04 -10.10
CA SER A 136 12.37 1.78 -10.00
C SER A 136 13.65 1.98 -9.17
N GLN A 137 14.12 0.87 -8.61
CA GLN A 137 15.32 0.80 -7.83
C GLN A 137 15.99 -0.51 -8.15
N PHE A 138 17.18 -0.47 -8.76
CA PHE A 138 17.95 -1.66 -9.05
C PHE A 138 18.84 -2.07 -7.90
N MET A 139 19.21 -3.36 -7.98
CA MET A 139 20.02 -4.06 -7.03
C MET A 139 20.76 -5.15 -7.81
N ARG A 140 21.89 -5.56 -7.28
CA ARG A 140 22.75 -6.58 -7.88
C ARG A 140 22.79 -7.81 -7.01
N TYR A 141 22.39 -8.94 -7.59
CA TYR A 141 22.34 -10.21 -6.87
C TYR A 141 23.70 -10.58 -6.25
N ASP A 142 24.76 -10.41 -7.05
CA ASP A 142 26.15 -10.75 -6.64
C ASP A 142 26.67 -9.87 -5.49
N ILE A 143 26.06 -8.72 -5.26
CA ILE A 143 26.57 -7.73 -4.30
C ILE A 143 25.92 -7.93 -2.91
N LEU A 144 24.75 -8.54 -2.88
CA LEU A 144 24.13 -8.91 -1.59
C LEU A 144 25.03 -9.70 -0.67
N SER A 145 24.93 -9.42 0.65
CA SER A 145 25.55 -10.35 1.58
C SER A 145 24.81 -10.16 2.90
N ASN A 146 24.77 -11.19 3.72
CA ASN A 146 24.27 -11.07 5.08
C ASN A 146 24.97 -10.01 5.91
N ARG A 147 26.27 -9.86 5.73
CA ARG A 147 26.95 -8.88 6.54
C ARG A 147 26.45 -7.46 6.29
N ASN A 148 26.33 -7.08 5.04
CA ASN A 148 26.04 -5.68 4.81
C ASN A 148 24.55 -5.37 4.54
N LEU A 149 23.69 -6.38 4.74
CA LEU A 149 22.29 -6.29 4.28
C LEU A 149 21.51 -5.11 4.88
N THR A 150 21.70 -4.85 6.16
CA THR A 150 21.04 -3.73 6.83
C THR A 150 21.55 -2.37 6.35
N PHE A 151 22.89 -2.19 6.19
CA PHE A 151 23.41 -0.91 5.61
C PHE A 151 22.86 -0.72 4.22
N TYR A 152 22.86 -1.84 3.49
CA TYR A 152 22.41 -1.94 2.09
C TYR A 152 20.95 -1.55 1.88
N VAL A 153 20.05 -2.18 2.64
CA VAL A 153 18.62 -1.84 2.58
C VAL A 153 18.30 -0.43 3.11
N ASP A 154 19.02 0.03 4.14
CA ASP A 154 18.76 1.36 4.71
C ASP A 154 18.94 2.41 3.67
N ASN A 155 20.11 2.42 3.01
CA ASN A 155 20.40 3.39 1.94
C ASN A 155 19.55 3.26 0.70
N LEU A 156 19.28 1.99 0.31
CA LEU A 156 18.49 1.70 -0.85
C LEU A 156 17.11 2.33 -0.74
N LEU A 157 16.53 2.29 0.48
CA LEU A 157 15.22 2.82 0.70
C LEU A 157 15.18 4.33 0.80
N VAL A 158 16.27 4.96 1.30
CA VAL A 158 16.33 6.47 1.23
C VAL A 158 16.05 6.84 -0.21
N GLN A 159 16.74 6.19 -1.14
CA GLN A 159 16.57 6.63 -2.54
C GLN A 159 15.28 6.18 -3.22
N PHE A 160 14.80 4.97 -2.91
CA PHE A 160 13.55 4.47 -3.48
C PHE A 160 12.37 5.24 -2.94
N VAL A 161 12.36 5.57 -1.64
CA VAL A 161 11.30 6.46 -1.11
C VAL A 161 11.25 7.82 -1.85
N SER A 162 12.39 8.47 -2.02
CA SER A 162 12.47 9.72 -2.80
C SER A 162 11.89 9.56 -4.25
N LYS A 163 12.31 8.55 -4.95
CA LYS A 163 11.92 8.26 -6.32
C LYS A 163 10.41 7.97 -6.38
N LEU A 164 9.81 7.45 -5.31
CA LEU A 164 8.34 7.31 -5.17
C LEU A 164 7.69 8.65 -4.80
N GLY A 165 8.49 9.72 -4.72
CA GLY A 165 7.83 11.04 -4.47
C GLY A 165 7.87 11.42 -3.00
N GLY A 166 8.54 10.61 -2.12
CA GLY A 166 8.59 10.99 -0.68
C GLY A 166 9.69 12.01 -0.41
N LYS A 167 9.66 12.62 0.79
CA LYS A 167 10.72 13.51 1.22
C LYS A 167 11.34 13.02 2.50
N PRO A 168 12.51 12.33 2.44
CA PRO A 168 13.12 11.82 3.68
C PRO A 168 13.26 12.82 4.80
N TRP A 169 14.04 13.90 4.56
CA TRP A 169 14.25 14.96 5.54
C TRP A 169 14.60 16.22 4.72
N ILE A 170 14.43 17.40 5.32
CA ILE A 170 14.84 18.65 4.61
C ILE A 170 15.80 19.35 5.58
N LEU A 171 16.56 20.32 5.12
CA LEU A 171 17.47 21.10 6.01
C LEU A 171 16.65 22.11 6.78
N ASN A 172 16.93 22.31 8.07
CA ASN A 172 16.41 23.43 8.82
C ASN A 172 17.17 24.71 8.65
N VAL A 173 16.63 25.66 7.94
CA VAL A 173 17.32 26.88 7.64
C VAL A 173 16.45 28.05 8.09
N ASP A 174 17.05 29.21 8.26
CA ASP A 174 16.28 30.38 8.60
C ASP A 174 15.55 30.86 7.34
N PRO A 175 14.20 30.85 7.37
CA PRO A 175 13.46 31.17 6.13
C PRO A 175 13.63 32.65 5.77
N GLU A 176 14.27 33.44 6.64
CA GLU A 176 14.59 34.83 6.26
C GLU A 176 15.99 35.02 5.67
N LYS A 177 16.80 33.98 5.66
CA LYS A 177 18.15 34.04 5.11
C LYS A 177 18.31 33.21 3.79
N GLY A 178 19.08 33.71 2.83
CA GLY A 178 19.36 32.93 1.63
C GLY A 178 18.45 33.26 0.45
N SER A 179 18.52 32.44 -0.58
CA SER A 179 17.85 32.71 -1.83
C SER A 179 16.42 32.18 -1.77
N ASP A 180 15.48 32.78 -2.50
CA ASP A 180 14.13 32.16 -2.67
C ASP A 180 14.20 30.90 -3.45
N ILE A 181 15.04 30.91 -4.48
CA ILE A 181 15.32 29.66 -5.20
C ILE A 181 16.76 29.68 -5.60
N ILE A 182 17.31 28.47 -5.74
CA ILE A 182 18.64 28.31 -6.24
C ILE A 182 18.56 27.51 -7.55
N ILE A 183 19.26 27.95 -8.60
CA ILE A 183 19.25 27.14 -9.83
C ILE A 183 20.62 26.55 -10.07
N GLY A 184 20.70 25.22 -10.05
CA GLY A 184 21.98 24.58 -10.41
C GLY A 184 21.94 24.45 -11.92
N THR A 185 22.96 24.96 -12.60
CA THR A 185 22.88 24.95 -14.06
C THR A 185 24.29 24.79 -14.66
N GLY A 186 24.38 24.59 -15.97
CA GLY A 186 25.63 24.24 -16.57
C GLY A 186 25.50 23.21 -17.68
N ALA A 187 26.60 22.49 -17.94
CA ALA A 187 26.54 21.41 -18.96
C ALA A 187 27.56 20.38 -18.55
N THR A 188 27.41 19.15 -19.03
CA THR A 188 28.43 18.14 -18.90
C THR A 188 28.76 17.49 -20.26
N ARG A 189 30.03 17.49 -20.63
CA ARG A 189 30.51 16.83 -21.85
C ARG A 189 30.48 15.36 -21.67
N ILE A 190 29.87 14.63 -22.58
CA ILE A 190 29.83 13.20 -22.43
C ILE A 190 30.90 12.46 -23.21
N ASP A 191 31.63 13.19 -24.05
CA ASP A 191 32.82 12.82 -24.79
C ASP A 191 33.42 14.16 -25.24
N ASN A 192 34.36 14.11 -26.17
CA ASN A 192 35.09 15.30 -26.67
C ASN A 192 34.29 16.29 -27.54
N VAL A 193 33.21 15.81 -28.13
CA VAL A 193 32.32 16.65 -28.94
C VAL A 193 30.92 16.92 -28.35
N ASN A 194 30.27 15.90 -27.80
CA ASN A 194 28.89 16.03 -27.35
C ASN A 194 28.71 16.42 -25.88
N LEU A 195 27.59 17.08 -25.58
CA LEU A 195 27.31 17.47 -24.21
C LEU A 195 25.80 17.56 -23.98
N PHE A 196 25.38 17.76 -22.73
CA PHE A 196 24.01 18.08 -22.50
C PHE A 196 23.95 19.21 -21.48
N CYS A 197 22.97 20.10 -21.64
CA CYS A 197 22.72 21.07 -20.56
C CYS A 197 21.68 20.61 -19.50
N PHE A 198 21.76 21.20 -18.32
CA PHE A 198 20.87 20.84 -17.23
C PHE A 198 20.47 22.10 -16.49
N ALA A 199 19.33 22.09 -15.87
CA ALA A 199 19.00 23.22 -15.02
C ALA A 199 18.02 22.68 -14.00
N MET A 200 18.32 22.89 -12.70
CA MET A 200 17.53 22.33 -11.61
C MET A 200 17.17 23.36 -10.58
N VAL A 201 15.90 23.49 -10.23
CA VAL A 201 15.50 24.44 -9.22
C VAL A 201 15.40 23.80 -7.85
N PHE A 202 16.11 24.38 -6.88
CA PHE A 202 15.98 24.03 -5.45
C PHE A 202 15.36 25.10 -4.53
N LYS A 203 14.62 24.64 -3.54
CA LYS A 203 14.39 25.46 -2.31
C LYS A 203 15.66 25.60 -1.46
N LYS A 204 15.74 26.65 -0.65
CA LYS A 204 16.85 26.79 0.30
C LYS A 204 16.95 25.56 1.29
N ASP A 205 15.87 24.79 1.45
CA ASP A 205 15.91 23.65 2.36
C ASP A 205 16.51 22.40 1.69
N GLY A 206 17.04 22.56 0.47
CA GLY A 206 17.61 21.51 -0.31
C GLY A 206 16.73 20.61 -1.14
N THR A 207 15.45 20.85 -1.16
CA THR A 207 14.58 20.04 -1.97
C THR A 207 14.54 20.52 -3.44
N MET A 208 14.56 19.56 -4.36
CA MET A 208 14.47 19.87 -5.80
C MET A 208 13.00 20.11 -6.18
N LEU A 209 12.69 21.24 -6.80
CA LEU A 209 11.31 21.57 -7.24
C LEU A 209 11.08 21.19 -8.71
N TRP A 210 12.10 21.26 -9.57
CA TRP A 210 11.88 21.09 -10.98
C TRP A 210 13.20 20.80 -11.64
N ASN A 211 13.23 19.92 -12.65
CA ASN A 211 14.41 19.77 -13.43
C ASN A 211 14.20 19.61 -14.91
N GLU A 212 15.11 20.21 -15.71
CA GLU A 212 15.12 19.99 -17.18
C GLU A 212 16.54 19.65 -17.62
N ILE A 213 16.65 18.72 -18.58
CA ILE A 213 17.92 18.38 -19.21
C ILE A 213 17.75 18.63 -20.73
N SER A 214 18.75 19.14 -21.42
CA SER A 214 18.58 19.33 -22.90
C SER A 214 18.78 17.98 -23.62
N PRO A 215 18.36 17.85 -24.90
CA PRO A 215 18.91 16.74 -25.67
C PRO A 215 20.48 16.82 -25.70
N ILE A 216 21.09 15.75 -26.14
CA ILE A 216 22.53 15.73 -26.44
C ILE A 216 22.76 16.54 -27.68
N VAL A 217 23.69 17.47 -27.58
CA VAL A 217 23.96 18.41 -28.67
C VAL A 217 25.45 18.48 -28.82
N THR A 218 25.92 19.23 -29.82
CA THR A 218 27.37 19.45 -29.91
C THR A 218 27.80 20.68 -29.14
N SER A 219 29.12 20.83 -28.91
CA SER A 219 29.64 21.99 -28.12
C SER A 219 29.31 23.32 -28.71
N SER A 220 29.22 23.37 -30.05
CA SER A 220 28.93 24.61 -30.74
C SER A 220 27.54 25.12 -30.38
N GLU A 221 26.66 24.24 -29.86
CA GLU A 221 25.27 24.54 -29.53
C GLU A 221 25.07 24.82 -28.04
N TYR A 222 26.15 24.89 -27.28
CA TYR A 222 26.08 25.02 -25.82
C TYR A 222 25.25 26.18 -25.31
N LEU A 223 25.58 27.41 -25.71
CA LEU A 223 24.91 28.63 -25.19
C LEU A 223 23.47 28.72 -25.59
N THR A 224 23.14 28.37 -26.84
CA THR A 224 21.73 28.21 -27.26
C THR A 224 20.94 27.27 -26.32
N TYR A 225 21.43 26.06 -26.05
CA TYR A 225 20.66 25.20 -25.19
C TYR A 225 20.73 25.48 -23.69
N LEU A 226 21.77 26.17 -23.27
CA LEU A 226 21.91 26.60 -21.88
C LEU A 226 20.78 27.57 -21.53
N LYS A 227 20.63 28.62 -22.34
CA LYS A 227 19.53 29.57 -22.20
C LYS A 227 18.18 28.81 -22.21
N SER A 228 17.90 27.96 -23.20
CA SER A 228 16.51 27.45 -23.28
C SER A 228 16.17 26.48 -22.21
N THR A 229 17.13 25.71 -21.76
CA THR A 229 16.95 24.73 -20.71
C THR A 229 16.62 25.43 -19.40
N ILE A 230 17.34 26.52 -19.10
CA ILE A 230 17.07 27.38 -17.90
C ILE A 230 15.70 28.03 -17.96
N LYS A 231 15.31 28.61 -19.10
CA LYS A 231 13.95 29.11 -19.29
C LYS A 231 12.90 28.03 -19.11
N LYS A 232 13.03 26.87 -19.74
CA LYS A 232 12.12 25.78 -19.46
C LYS A 232 12.01 25.43 -18.01
N VAL A 233 13.13 25.36 -17.25
CA VAL A 233 13.01 24.91 -15.90
C VAL A 233 12.27 25.98 -15.06
N VAL A 234 12.48 27.26 -15.35
CA VAL A 234 11.77 28.31 -14.60
C VAL A 234 10.27 28.34 -15.02
N TYR A 235 9.96 28.19 -16.31
CA TYR A 235 8.54 28.13 -16.80
C TYR A 235 7.82 27.02 -16.05
N GLY A 236 8.48 25.86 -15.95
CA GLY A 236 8.02 24.71 -15.18
C GLY A 236 7.80 24.95 -13.69
N PHE A 237 8.81 25.45 -13.00
CA PHE A 237 8.67 25.87 -11.63
C PHE A 237 7.48 26.84 -11.45
N LYS A 238 7.39 27.85 -12.30
CA LYS A 238 6.38 28.91 -12.17
C LYS A 238 4.94 28.49 -12.44
N LYS A 239 4.76 27.60 -13.39
CA LYS A 239 3.45 27.00 -13.65
C LYS A 239 2.94 26.13 -12.46
N SER A 240 3.83 25.47 -11.75
CA SER A 240 3.42 24.68 -10.61
C SER A 240 3.61 25.42 -9.25
N ASN A 241 4.03 26.68 -9.30
CA ASN A 241 4.19 27.49 -8.10
C ASN A 241 3.89 28.92 -8.48
N PRO A 242 2.64 29.21 -8.94
CA PRO A 242 2.34 30.54 -9.50
C PRO A 242 2.55 31.70 -8.55
N ASP A 243 2.46 31.45 -7.24
CA ASP A 243 2.55 32.52 -6.24
C ASP A 243 3.87 32.60 -5.51
N TRP A 244 4.82 31.73 -5.84
CA TRP A 244 6.15 31.76 -5.26
C TRP A 244 6.92 32.95 -5.86
N ASP A 245 7.02 34.06 -5.14
CA ASP A 245 7.76 35.25 -5.60
C ASP A 245 9.28 35.05 -5.47
N VAL A 246 10.02 35.41 -6.51
CA VAL A 246 11.46 35.22 -6.45
C VAL A 246 12.09 36.62 -6.41
N GLU A 247 12.49 37.05 -5.21
CA GLU A 247 13.17 38.33 -5.09
C GLU A 247 14.65 38.15 -4.98
N LYS A 248 15.09 36.96 -4.58
CA LYS A 248 16.53 36.65 -4.36
C LYS A 248 16.80 35.34 -5.05
N LEU A 249 17.72 35.40 -6.00
CA LEU A 249 17.97 34.32 -6.90
C LEU A 249 19.48 34.11 -6.94
N THR A 250 19.90 32.85 -6.88
CA THR A 250 21.30 32.47 -7.07
C THR A 250 21.42 31.36 -8.07
N LEU A 251 22.36 31.54 -9.03
CA LEU A 251 22.78 30.48 -9.96
C LEU A 251 24.03 29.82 -9.51
N HIS A 252 23.95 28.50 -9.34
CA HIS A 252 25.15 27.69 -9.13
C HIS A 252 25.55 27.04 -10.49
N VAL A 253 26.61 27.52 -11.12
CA VAL A 253 27.09 26.98 -12.42
C VAL A 253 28.24 25.98 -12.23
N SER A 254 28.10 24.82 -12.87
CA SER A 254 29.00 23.70 -12.64
C SER A 254 29.04 22.81 -13.88
N GLY A 255 29.99 21.89 -13.91
CA GLY A 255 30.14 20.83 -14.91
C GLY A 255 31.40 21.00 -15.81
N LYS A 256 31.89 19.91 -16.40
CA LYS A 256 32.95 20.00 -17.43
C LYS A 256 32.27 20.35 -18.74
N ARG A 257 32.41 21.61 -19.13
CA ARG A 257 31.65 22.27 -20.17
C ARG A 257 32.63 23.10 -21.02
N PRO A 258 32.21 23.61 -22.18
CA PRO A 258 33.23 24.36 -22.98
C PRO A 258 33.73 25.63 -22.23
N LYS A 259 35.00 26.02 -22.44
CA LYS A 259 35.52 27.22 -21.75
C LYS A 259 35.26 28.49 -22.53
N MET A 260 34.61 29.44 -21.91
CA MET A 260 33.65 30.28 -22.65
C MET A 260 33.03 31.24 -21.64
N LYS A 261 33.84 31.61 -20.65
CA LYS A 261 33.33 32.19 -19.38
C LYS A 261 32.64 33.51 -19.56
N ASP A 262 33.22 34.40 -20.36
CA ASP A 262 32.59 35.71 -20.61
C ASP A 262 31.29 35.60 -21.44
N GLY A 263 31.32 34.78 -22.50
CA GLY A 263 30.17 34.52 -23.30
C GLY A 263 29.05 33.84 -22.53
N GLU A 264 29.44 32.88 -21.69
CA GLU A 264 28.53 32.20 -20.80
C GLU A 264 27.90 33.11 -19.74
N THR A 265 28.67 34.01 -19.13
CA THR A 265 28.11 34.94 -18.14
C THR A 265 27.11 35.92 -18.81
N LYS A 266 27.44 36.34 -20.02
CA LYS A 266 26.62 37.26 -20.78
C LYS A 266 25.28 36.63 -21.10
N ILE A 267 25.31 35.37 -21.52
CA ILE A 267 24.10 34.61 -21.82
C ILE A 267 23.27 34.35 -20.57
N LEU A 268 23.92 34.02 -19.46
CA LEU A 268 23.18 33.83 -18.19
C LEU A 268 22.47 35.08 -17.68
N LYS A 269 23.20 36.20 -17.63
CA LYS A 269 22.63 37.56 -17.47
C LYS A 269 21.43 37.89 -18.41
N GLU A 270 21.58 37.65 -19.73
CA GLU A 270 20.46 37.78 -20.68
C GLU A 270 19.24 36.94 -20.30
N THR A 271 19.47 35.71 -19.90
CA THR A 271 18.38 34.76 -19.54
C THR A 271 17.57 35.26 -18.33
N VAL A 272 18.25 35.77 -17.31
CA VAL A 272 17.61 36.41 -16.12
C VAL A 272 16.83 37.69 -16.55
N GLU A 273 17.37 38.48 -17.47
CA GLU A 273 16.71 39.67 -18.00
C GLU A 273 15.49 39.31 -18.77
N GLU A 274 15.52 38.24 -19.58
CA GLU A 274 14.29 37.74 -20.19
C GLU A 274 13.23 37.16 -19.19
N LEU A 275 13.67 36.40 -18.19
CA LEU A 275 12.75 35.92 -17.15
C LEU A 275 12.08 37.07 -16.34
N LYS A 276 12.84 38.15 -16.01
CA LYS A 276 12.27 39.40 -15.46
C LYS A 276 11.13 39.99 -16.35
N LYS A 277 11.44 40.26 -17.61
CA LYS A 277 10.44 40.70 -18.66
C LYS A 277 9.14 39.87 -18.66
N GLN A 278 9.31 38.55 -18.61
CA GLN A 278 8.17 37.61 -18.60
C GLN A 278 7.50 37.37 -17.22
N GLU A 279 7.91 38.13 -16.18
CA GLU A 279 7.33 38.07 -14.80
C GLU A 279 7.48 36.69 -14.16
N MET A 280 8.53 35.97 -14.50
CA MET A 280 8.82 34.69 -13.88
C MET A 280 9.56 34.83 -12.56
N VAL A 281 10.36 35.90 -12.47
CA VAL A 281 10.99 36.37 -11.23
C VAL A 281 10.61 37.89 -11.12
N SER A 282 10.85 38.50 -9.94
CA SER A 282 10.76 39.93 -9.72
C SER A 282 11.59 40.76 -10.70
N ARG A 283 11.00 41.89 -11.15
CA ARG A 283 11.70 42.79 -12.03
C ARG A 283 12.75 43.59 -11.28
N ASP A 284 12.79 43.43 -9.94
CA ASP A 284 13.92 43.90 -9.15
C ASP A 284 14.64 42.79 -8.40
N VAL A 285 14.71 41.64 -9.02
CA VAL A 285 15.33 40.50 -8.37
C VAL A 285 16.82 40.88 -8.10
N LYS A 286 17.30 40.53 -6.90
CA LYS A 286 18.74 40.50 -6.51
C LYS A 286 19.28 39.13 -6.81
N TYR A 287 20.31 39.06 -7.61
CA TYR A 287 20.80 37.79 -8.00
C TYR A 287 22.31 37.78 -8.08
N ALA A 288 22.84 36.59 -7.94
CA ALA A 288 24.26 36.32 -8.12
C ALA A 288 24.43 35.09 -8.99
N ILE A 289 25.42 35.15 -9.86
CA ILE A 289 25.79 34.00 -10.62
C ILE A 289 27.12 33.57 -10.09
N LEU A 290 27.20 32.32 -9.68
CA LEU A 290 28.39 31.73 -9.03
C LEU A 290 28.94 30.50 -9.78
N HIS A 291 30.28 30.36 -9.88
CA HIS A 291 30.93 29.15 -10.38
C HIS A 291 31.37 28.33 -9.17
N LEU A 292 30.84 27.11 -9.05
CA LEU A 292 31.23 26.14 -8.00
C LEU A 292 32.14 25.13 -8.65
N ASN A 293 33.36 24.96 -8.12
CA ASN A 293 34.31 23.97 -8.67
C ASN A 293 34.95 23.22 -7.54
N GLU A 294 34.94 21.89 -7.62
CA GLU A 294 35.72 21.05 -6.67
C GLU A 294 37.21 21.24 -6.96
N THR A 295 38.02 21.34 -5.92
CA THR A 295 39.44 21.60 -6.11
C THR A 295 40.20 20.48 -5.38
N HIS A 296 41.52 20.41 -5.57
CA HIS A 296 42.35 19.30 -5.01
C HIS A 296 42.24 19.23 -3.49
N PRO A 297 42.01 18.03 -2.93
CA PRO A 297 42.03 17.88 -1.42
C PRO A 297 43.40 18.23 -0.76
N PHE A 298 43.38 18.49 0.55
CA PHE A 298 44.60 18.79 1.31
C PHE A 298 44.39 18.32 2.73
N TRP A 299 45.47 18.22 3.53
CA TRP A 299 45.43 17.66 4.88
C TRP A 299 45.91 18.68 5.86
N VAL A 300 45.07 19.02 6.83
CA VAL A 300 45.58 19.65 8.05
C VAL A 300 46.37 18.62 8.88
N MET A 301 47.61 18.97 9.23
CA MET A 301 48.49 18.08 9.99
C MET A 301 48.27 18.12 11.49
N GLU A 312 35.03 21.80 7.76
CA GLU A 312 35.23 22.63 8.95
C GLU A 312 34.04 23.58 8.97
N GLY A 313 33.47 23.77 7.78
CA GLY A 313 32.54 24.87 7.55
C GLY A 313 33.26 26.21 7.32
N THR A 314 34.58 26.21 7.22
CA THR A 314 35.32 27.48 7.14
C THR A 314 35.15 28.21 5.81
N LYS A 315 35.01 29.53 5.88
CA LYS A 315 34.91 30.41 4.72
C LYS A 315 36.22 31.20 4.55
N VAL A 316 36.85 31.07 3.40
CA VAL A 316 38.11 31.71 3.08
C VAL A 316 37.85 32.64 1.91
N LYS A 317 38.34 33.87 2.02
CA LYS A 317 38.28 34.81 0.95
C LYS A 317 39.65 34.89 0.34
N LEU A 318 39.72 34.64 -0.96
CA LEU A 318 40.96 34.71 -1.71
C LEU A 318 41.12 36.03 -2.44
N SER A 319 40.02 36.64 -2.85
CA SER A 319 39.97 37.97 -3.44
C SER A 319 38.51 38.47 -3.28
N SER A 320 38.19 39.69 -3.72
CA SER A 320 36.81 40.21 -3.44
C SER A 320 35.73 39.35 -4.14
N LYS A 321 36.12 38.65 -5.21
CA LYS A 321 35.21 37.71 -5.92
C LYS A 321 35.46 36.17 -5.81
N ARG A 322 36.57 35.75 -5.23
CA ARG A 322 36.92 34.32 -5.13
C ARG A 322 37.00 33.86 -3.68
N TYR A 323 36.28 32.77 -3.40
CA TYR A 323 36.11 32.25 -2.07
C TYR A 323 36.36 30.75 -2.07
N LEU A 324 36.62 30.18 -0.89
CA LEU A 324 36.76 28.73 -0.71
C LEU A 324 35.93 28.40 0.48
N LEU A 325 35.21 27.30 0.37
CA LEU A 325 34.47 26.75 1.46
C LEU A 325 35.10 25.41 1.73
N THR A 326 35.60 25.19 2.93
CA THR A 326 36.26 23.94 3.22
C THR A 326 35.37 23.00 4.00
N LEU A 327 35.41 21.74 3.61
CA LEU A 327 34.56 20.76 4.28
C LEU A 327 35.37 19.53 4.56
N LEU A 328 35.09 18.91 5.71
CA LEU A 328 35.63 17.59 6.02
C LEU A 328 35.35 16.70 4.82
N GLN A 329 36.18 15.68 4.66
CA GLN A 329 35.89 14.62 3.73
C GLN A 329 34.72 13.77 4.26
N PRO A 330 33.79 13.40 3.36
CA PRO A 330 32.63 12.62 3.76
C PRO A 330 32.97 11.18 4.23
N TYR A 331 34.25 10.77 4.10
CA TYR A 331 34.77 9.50 4.64
C TYR A 331 34.75 9.53 6.17
N VAL A 340 46.69 13.43 10.46
CA VAL A 340 46.19 14.27 9.36
C VAL A 340 44.68 14.37 9.39
N THR A 341 44.16 15.52 9.02
CA THR A 341 42.70 15.72 8.79
C THR A 341 42.37 16.11 7.32
N PRO A 342 41.74 15.20 6.53
CA PRO A 342 41.51 15.48 5.11
C PRO A 342 40.36 16.49 4.85
N ILE A 343 40.57 17.36 3.86
CA ILE A 343 39.68 18.48 3.60
C ILE A 343 39.35 18.47 2.12
N LYS A 344 38.08 18.65 1.78
CA LYS A 344 37.71 18.84 0.38
C LYS A 344 37.21 20.28 0.25
N PRO A 345 37.97 21.12 -0.46
CA PRO A 345 37.60 22.51 -0.67
C PRO A 345 36.68 22.63 -1.85
N LEU A 346 35.84 23.63 -1.79
CA LEU A 346 35.00 23.96 -2.92
C LEU A 346 35.26 25.42 -3.28
N SER A 347 35.67 25.64 -4.51
CA SER A 347 35.89 26.98 -4.97
C SER A 347 34.58 27.65 -5.38
N VAL A 348 34.44 28.92 -4.98
CA VAL A 348 33.21 29.67 -5.23
C VAL A 348 33.60 31.04 -5.78
N GLU A 349 33.24 31.27 -7.03
CA GLU A 349 33.54 32.57 -7.62
C GLU A 349 32.24 33.30 -7.97
N ILE A 350 32.13 34.55 -7.54
CA ILE A 350 31.04 35.41 -7.96
C ILE A 350 31.39 36.09 -9.28
N VAL A 351 30.81 35.61 -10.39
CA VAL A 351 31.14 36.14 -11.69
C VAL A 351 30.21 37.30 -12.10
N SER A 352 29.02 37.36 -11.51
CA SER A 352 28.13 38.51 -11.75
C SER A 352 27.14 38.64 -10.61
N ASP A 353 26.74 39.86 -10.25
CA ASP A 353 25.73 40.06 -9.20
C ASP A 353 25.26 41.47 -9.46
N ASN A 354 24.03 41.81 -9.04
CA ASN A 354 23.57 43.21 -9.02
C ASN A 354 23.41 43.71 -7.57
N TRP A 355 24.34 43.29 -6.68
CA TRP A 355 24.26 43.68 -5.25
C TRP A 355 24.87 45.08 -5.07
N THR A 356 24.31 45.86 -4.13
CA THR A 356 24.90 47.17 -3.79
C THR A 356 26.20 46.97 -2.97
N SER A 357 27.07 47.98 -3.03
CA SER A 357 28.32 47.96 -2.33
C SER A 357 28.07 47.70 -0.84
N GLU A 358 26.98 48.27 -0.32
CA GLU A 358 26.53 48.19 1.10
C GLU A 358 26.05 46.79 1.59
N GLU A 359 25.18 46.15 0.77
CA GLU A 359 24.66 44.78 0.90
C GLU A 359 25.78 43.73 0.80
N TYR A 360 26.84 44.08 0.07
CA TYR A 360 27.77 43.12 -0.54
C TYR A 360 28.34 42.01 0.40
N TYR A 361 29.10 42.43 1.40
N TYR A 361 29.10 42.39 1.42
CA TYR A 361 29.70 41.55 2.41
CA TYR A 361 29.70 41.36 2.26
C TYR A 361 28.69 40.61 3.05
C TYR A 361 28.70 40.59 3.13
N HIS A 362 27.55 41.18 3.42
CA HIS A 362 26.50 40.48 4.10
C HIS A 362 25.91 39.32 3.22
N ASN A 363 25.63 39.64 1.96
CA ASN A 363 25.22 38.70 0.93
C ASN A 363 26.22 37.59 0.64
N VAL A 364 27.49 37.95 0.64
CA VAL A 364 28.56 36.98 0.50
C VAL A 364 28.51 35.92 1.64
N HIS A 365 28.52 36.34 2.91
CA HIS A 365 28.18 35.42 4.00
C HIS A 365 26.92 34.53 3.81
N GLU A 366 25.79 35.08 3.44
CA GLU A 366 24.58 34.28 3.20
C GLU A 366 24.69 33.20 2.11
N ILE A 367 25.24 33.56 0.97
CA ILE A 367 25.44 32.66 -0.14
C ILE A 367 26.45 31.52 0.19
N LEU A 368 27.49 31.85 0.95
CA LEU A 368 28.48 30.84 1.40
C LEU A 368 27.88 29.87 2.44
N ASP A 369 27.20 30.42 3.46
CA ASP A 369 26.37 29.62 4.35
C ASP A 369 25.39 28.68 3.65
N GLU A 370 24.64 29.19 2.67
CA GLU A 370 23.71 28.38 1.89
C GLU A 370 24.37 27.23 1.13
N ILE A 371 25.55 27.50 0.56
CA ILE A 371 26.30 26.45 -0.14
C ILE A 371 26.72 25.33 0.84
N TYR A 372 27.18 25.74 2.04
CA TYR A 372 27.42 24.81 3.14
C TYR A 372 26.19 24.01 3.58
N TYR A 373 25.02 24.63 3.80
CA TYR A 373 23.78 23.86 4.09
C TYR A 373 23.37 22.84 2.98
N LEU A 374 23.48 23.24 1.73
CA LEU A 374 23.17 22.39 0.55
C LEU A 374 24.09 21.18 0.37
N SER A 375 25.27 21.29 1.00
CA SER A 375 26.34 20.26 0.93
C SER A 375 26.01 19.17 1.92
N LYS A 376 25.02 19.44 2.78
CA LYS A 376 24.54 18.48 3.71
C LYS A 376 23.29 17.72 3.26
N MET A 377 22.73 18.08 2.11
CA MET A 377 21.54 17.49 1.57
C MET A 377 21.90 16.36 0.54
N ASN A 378 21.53 15.09 0.79
CA ASN A 378 21.81 14.04 -0.15
C ASN A 378 20.71 12.99 0.01
N TRP A 379 19.79 12.85 -0.95
CA TRP A 379 18.80 11.73 -0.81
C TRP A 379 19.20 10.37 -1.45
N ARG A 380 20.46 10.26 -1.80
CA ARG A 380 21.02 9.00 -2.28
C ARG A 380 21.26 7.98 -1.17
N GLY A 381 21.42 8.42 0.06
CA GLY A 381 21.64 7.47 1.19
C GLY A 381 21.69 8.35 2.44
N PHE A 382 22.07 7.77 3.57
CA PHE A 382 22.13 8.44 4.90
C PHE A 382 23.34 9.35 5.09
N ARG A 383 24.44 9.00 4.50
CA ARG A 383 25.63 9.77 4.72
C ARG A 383 25.69 10.98 3.75
N SER A 384 25.85 12.16 4.37
CA SER A 384 26.12 13.43 3.69
C SER A 384 27.21 13.22 2.58
N ARG A 385 26.99 13.82 1.38
CA ARG A 385 28.02 13.81 0.31
C ARG A 385 29.14 14.86 0.55
N ASN A 386 28.85 15.83 1.42
CA ASN A 386 29.62 17.04 1.62
C ASN A 386 29.90 17.76 0.30
N LEU A 387 28.98 17.60 -0.65
CA LEU A 387 28.95 18.40 -1.89
C LEU A 387 27.59 19.01 -2.10
N PRO A 388 27.54 20.29 -2.51
CA PRO A 388 26.24 20.93 -2.72
C PRO A 388 25.39 20.12 -3.66
N VAL A 389 24.13 19.91 -3.24
CA VAL A 389 23.08 19.16 -4.00
C VAL A 389 22.97 19.73 -5.42
N THR A 390 23.14 21.06 -5.56
CA THR A 390 23.08 21.73 -6.89
C THR A 390 24.20 21.38 -7.86
N VAL A 391 25.32 20.88 -7.30
CA VAL A 391 26.45 20.32 -8.06
C VAL A 391 26.33 18.80 -8.19
N ASN A 392 26.02 18.13 -7.06
CA ASN A 392 25.92 16.66 -6.97
C ASN A 392 24.86 16.01 -7.86
N TYR A 393 23.61 16.48 -7.82
CA TYR A 393 22.50 15.86 -8.54
C TYR A 393 22.72 15.95 -10.05
N PRO A 394 23.14 17.14 -10.61
CA PRO A 394 23.57 17.11 -12.05
C PRO A 394 24.69 16.10 -12.43
N LYS A 395 25.66 15.83 -11.56
CA LYS A 395 26.62 14.76 -11.82
C LYS A 395 25.96 13.38 -11.91
N LEU A 396 24.99 13.12 -11.04
CA LEU A 396 24.25 11.85 -11.09
C LEU A 396 23.50 11.65 -12.43
N VAL A 397 22.85 12.68 -12.94
CA VAL A 397 22.15 12.67 -14.27
C VAL A 397 23.08 12.31 -15.45
N ALA A 398 24.22 12.96 -15.41
CA ALA A 398 25.29 12.94 -16.42
C ALA A 398 25.80 11.58 -16.63
N GLY A 399 25.99 10.86 -15.52
CA GLY A 399 26.40 9.46 -15.55
C GLY A 399 25.39 8.61 -16.30
N ILE A 400 24.10 8.88 -16.08
CA ILE A 400 23.06 8.10 -16.75
C ILE A 400 22.90 8.52 -18.21
N ILE A 401 22.78 9.86 -18.47
CA ILE A 401 22.73 10.39 -19.83
C ILE A 401 23.92 9.88 -20.69
N ALA A 402 25.16 9.98 -20.19
CA ALA A 402 26.36 9.53 -20.95
C ALA A 402 26.26 8.03 -21.35
N ASN A 403 25.99 7.18 -20.37
CA ASN A 403 26.03 5.72 -20.54
C ASN A 403 24.83 5.18 -21.29
N VAL A 404 23.69 5.82 -21.11
CA VAL A 404 22.55 5.41 -21.91
C VAL A 404 22.92 5.59 -23.37
N ASN A 405 23.53 6.75 -23.67
CA ASN A 405 23.92 7.11 -25.04
C ASN A 405 24.94 6.16 -25.66
N ARG A 406 25.91 5.77 -24.83
CA ARG A 406 27.05 4.90 -25.13
C ARG A 406 26.61 3.44 -25.37
N TYR A 407 25.63 2.96 -24.58
CA TYR A 407 25.09 1.59 -24.65
C TYR A 407 23.75 1.52 -25.36
N GLY A 408 23.43 2.55 -26.13
CA GLY A 408 22.19 2.56 -26.91
C GLY A 408 20.98 2.02 -26.14
N GLY A 409 20.62 2.69 -25.02
CA GLY A 409 19.36 2.41 -24.28
C GLY A 409 18.27 3.38 -24.78
N TYR A 410 17.12 3.45 -24.11
CA TYR A 410 16.07 4.42 -24.48
C TYR A 410 16.40 5.82 -23.94
N PRO A 411 16.51 6.84 -24.84
CA PRO A 411 16.75 8.23 -24.37
C PRO A 411 15.76 8.70 -23.28
N ILE A 412 16.27 9.46 -22.34
CA ILE A 412 15.46 9.89 -21.23
C ILE A 412 14.77 11.16 -21.70
N ASN A 417 5.88 14.66 -19.73
CA ASN A 417 6.21 13.85 -18.54
C ASN A 417 6.50 14.59 -17.23
N ARG A 418 5.56 15.43 -16.80
CA ARG A 418 5.72 16.24 -15.56
C ARG A 418 6.19 15.40 -14.33
N SER A 419 6.22 14.08 -14.51
CA SER A 419 6.67 13.17 -13.49
C SER A 419 8.20 13.16 -13.33
N LEU A 420 8.94 13.05 -14.44
CA LEU A 420 10.41 13.10 -14.44
C LEU A 420 10.96 14.49 -14.05
N GLN A 421 10.16 15.53 -14.36
CA GLN A 421 10.46 16.90 -13.96
C GLN A 421 10.49 17.17 -12.49
N THR A 422 9.65 16.47 -11.70
CA THR A 422 9.58 16.73 -10.26
C THR A 422 10.18 15.59 -9.42
N ASN A 423 10.64 14.52 -10.07
CA ASN A 423 11.08 13.34 -9.32
C ASN A 423 12.58 13.05 -9.50
N PRO A 424 13.27 12.66 -8.38
CA PRO A 424 14.72 12.49 -8.47
C PRO A 424 15.06 11.07 -9.02
N TRP A 425 14.71 10.84 -10.28
CA TRP A 425 14.93 9.56 -10.97
C TRP A 425 16.38 9.16 -11.07
N PHE A 426 17.27 10.16 -10.98
CA PHE A 426 18.72 9.98 -11.16
C PHE A 426 19.45 9.44 -9.88
N LEU A 427 18.75 9.18 -8.79
CA LEU A 427 19.48 8.86 -7.57
C LEU A 427 19.96 7.40 -7.69
N GLY B 10 -35.75 -25.93 22.03
CA GLY B 10 -34.78 -26.59 21.07
C GLY B 10 -33.36 -26.00 21.06
N LEU B 11 -32.99 -25.32 19.97
CA LEU B 11 -31.60 -24.82 19.76
C LEU B 11 -31.29 -23.58 20.64
N THR B 12 -30.05 -23.47 21.13
CA THR B 12 -29.59 -22.29 21.86
C THR B 12 -28.26 -21.79 21.30
N TYR B 13 -27.90 -20.54 21.58
CA TYR B 13 -26.58 -19.95 21.26
C TYR B 13 -25.67 -20.02 22.49
N ARG B 14 -24.43 -20.42 22.29
CA ARG B 14 -23.43 -20.48 23.36
C ARG B 14 -22.70 -19.10 23.38
N ILE B 15 -22.78 -18.40 24.51
CA ILE B 15 -22.02 -17.13 24.73
C ILE B 15 -20.86 -17.26 25.76
N GLY B 16 -20.53 -16.21 26.51
CA GLY B 16 -19.41 -16.27 27.39
C GLY B 16 -19.71 -16.98 28.69
N ASN B 17 -18.63 -17.37 29.38
CA ASN B 17 -18.68 -17.93 30.74
C ASN B 17 -19.56 -19.20 30.84
N GLY B 18 -19.52 -20.01 29.77
CA GLY B 18 -20.32 -21.23 29.67
C GLY B 18 -21.85 -21.05 29.64
N ALA B 19 -22.34 -19.83 29.45
CA ALA B 19 -23.75 -19.57 29.33
C ALA B 19 -24.30 -19.86 27.90
N SER B 20 -25.60 -20.20 27.84
CA SER B 20 -26.33 -20.45 26.63
C SER B 20 -27.72 -19.78 26.75
N VAL B 21 -28.13 -19.12 25.66
CA VAL B 21 -29.39 -18.37 25.56
C VAL B 21 -30.24 -18.90 24.41
N PRO B 22 -31.58 -18.74 24.51
CA PRO B 22 -32.47 -19.11 23.39
C PRO B 22 -32.18 -18.40 22.07
N ILE B 23 -32.30 -19.14 20.97
CA ILE B 23 -32.32 -18.54 19.65
C ILE B 23 -33.65 -17.77 19.51
N SER B 24 -33.77 -16.90 18.52
CA SER B 24 -35.10 -16.28 18.18
C SER B 24 -35.59 -15.25 19.12
N ASN B 25 -34.72 -14.68 19.93
CA ASN B 25 -35.11 -13.73 20.94
C ASN B 25 -33.93 -12.78 21.13
N THR B 26 -33.97 -11.61 20.49
CA THR B 26 -32.78 -10.78 20.53
C THR B 26 -32.66 -9.96 21.81
N GLY B 27 -33.79 -9.61 22.41
CA GLY B 27 -33.77 -9.00 23.76
C GLY B 27 -32.98 -9.81 24.80
N GLU B 28 -33.24 -11.10 24.87
CA GLU B 28 -32.52 -12.02 25.73
C GLU B 28 -31.04 -12.24 25.32
N LEU B 29 -30.79 -12.31 24.02
CA LEU B 29 -29.42 -12.36 23.53
C LEU B 29 -28.57 -11.18 24.07
N ILE B 30 -29.02 -9.94 23.86
CA ILE B 30 -28.35 -8.73 24.35
C ILE B 30 -28.16 -8.72 25.87
N LYS B 31 -29.17 -9.17 26.59
CA LYS B 31 -29.14 -9.25 28.03
C LYS B 31 -28.05 -10.24 28.46
N GLY B 32 -28.03 -11.39 27.79
CA GLY B 32 -27.05 -12.44 28.04
C GLY B 32 -25.62 -11.94 27.89
N LEU B 33 -25.35 -11.22 26.80
CA LEU B 33 -24.05 -10.61 26.54
C LEU B 33 -23.66 -9.62 27.65
N ARG B 34 -24.58 -8.73 28.07
CA ARG B 34 -24.29 -7.83 29.20
C ARG B 34 -23.85 -8.60 30.45
N ASN B 35 -24.50 -9.74 30.68
CA ASN B 35 -24.32 -10.51 31.87
C ASN B 35 -23.08 -11.40 31.77
N TYR B 36 -22.89 -12.06 30.63
CA TYR B 36 -21.89 -13.13 30.49
C TYR B 36 -20.74 -12.82 29.50
N GLY B 37 -20.91 -11.83 28.63
CA GLY B 37 -19.91 -11.50 27.61
C GLY B 37 -20.22 -12.37 26.39
N PRO B 38 -19.58 -12.08 25.26
CA PRO B 38 -19.65 -12.90 24.02
C PRO B 38 -18.87 -14.23 24.19
N TYR B 39 -19.14 -15.19 23.32
CA TYR B 39 -18.39 -16.42 23.32
C TYR B 39 -16.87 -16.16 23.33
N GLU B 40 -16.42 -15.17 22.56
CA GLU B 40 -15.04 -14.71 22.63
C GLU B 40 -14.80 -13.20 22.41
N VAL B 41 -14.32 -12.52 23.42
CA VAL B 41 -13.89 -11.14 23.32
C VAL B 41 -12.65 -11.09 22.36
N PRO B 42 -12.64 -10.15 21.40
CA PRO B 42 -11.42 -10.09 20.57
C PRO B 42 -10.22 -9.60 21.38
N SER B 43 -9.04 -10.07 21.03
CA SER B 43 -7.85 -9.60 21.70
C SER B 43 -7.23 -8.46 20.83
N LEU B 44 -7.07 -7.28 21.42
CA LEU B 44 -6.80 -6.11 20.64
C LEU B 44 -5.39 -5.68 20.88
N LYS B 45 -4.72 -5.27 19.83
CA LYS B 45 -3.32 -4.96 19.89
C LYS B 45 -3.10 -3.57 20.51
N TYR B 46 -3.87 -2.57 20.10
CA TYR B 46 -3.67 -1.21 20.67
C TYR B 46 -4.63 -0.80 21.76
N ASN B 47 -5.80 -1.45 21.83
CA ASN B 47 -6.93 -0.92 22.60
C ASN B 47 -7.53 0.40 22.07
N GLN B 48 -7.51 0.56 20.76
CA GLN B 48 -7.78 1.83 20.17
C GLN B 48 -8.56 1.70 18.89
N ILE B 49 -9.64 2.47 18.82
CA ILE B 49 -10.42 2.59 17.60
C ILE B 49 -10.44 4.01 17.10
N ALA B 50 -10.58 4.19 15.80
CA ALA B 50 -10.65 5.51 15.19
C ALA B 50 -12.06 5.78 14.66
N LEU B 51 -12.61 6.93 15.03
CA LEU B 51 -13.86 7.39 14.44
C LEU B 51 -13.53 8.50 13.45
N ILE B 52 -13.95 8.31 12.20
CA ILE B 52 -13.60 9.23 11.10
C ILE B 52 -14.87 9.82 10.48
N HIS B 53 -14.93 11.16 10.46
CA HIS B 53 -16.10 11.93 9.99
C HIS B 53 -15.69 13.41 9.67
N ASN B 54 -16.62 14.20 9.14
CA ASN B 54 -16.34 15.53 8.62
C ASN B 54 -16.49 16.69 9.60
N SER B 58 -21.70 17.45 14.67
CA SER B 58 -20.94 17.62 15.91
C SER B 58 -21.64 16.99 17.11
N SER B 59 -22.98 17.08 17.12
CA SER B 59 -23.80 16.72 18.27
C SER B 59 -24.27 15.27 18.23
N LEU B 60 -24.90 14.89 17.12
CA LEU B 60 -25.23 13.50 16.84
C LEU B 60 -24.00 12.55 16.94
N ILE B 61 -22.86 12.97 16.40
CA ILE B 61 -21.58 12.24 16.50
C ILE B 61 -21.13 12.05 17.96
N ASN B 62 -21.23 13.09 18.77
CA ASN B 62 -21.02 12.94 20.21
C ASN B 62 -21.80 11.82 20.87
N GLN B 63 -23.07 11.68 20.46
CA GLN B 63 -24.03 10.70 20.96
C GLN B 63 -23.77 9.30 20.44
N LEU B 64 -23.42 9.19 19.16
CA LEU B 64 -22.97 7.94 18.56
C LEU B 64 -21.72 7.42 19.30
N LYS B 65 -20.73 8.30 19.50
CA LYS B 65 -19.50 7.89 20.14
C LYS B 65 -19.68 7.40 21.58
N SER B 66 -20.50 8.08 22.39
CA SER B 66 -20.71 7.62 23.76
C SER B 66 -21.50 6.32 23.78
N GLN B 67 -22.38 6.14 22.80
CA GLN B 67 -23.06 4.87 22.61
C GLN B 67 -22.14 3.69 22.19
N ILE B 68 -21.28 3.93 21.22
CA ILE B 68 -20.32 2.94 20.81
C ILE B 68 -19.51 2.63 22.06
N SER B 69 -19.01 3.67 22.73
CA SER B 69 -18.19 3.54 23.95
C SER B 69 -18.73 2.65 25.04
N SER B 70 -20.00 2.84 25.40
CA SER B 70 -20.49 2.09 26.54
C SER B 70 -20.99 0.69 26.21
N LYS B 71 -21.59 0.52 25.03
CA LYS B 71 -21.96 -0.82 24.55
C LYS B 71 -20.75 -1.73 24.30
N ILE B 72 -19.69 -1.17 23.76
CA ILE B 72 -18.44 -1.91 23.58
C ILE B 72 -17.95 -2.43 24.92
N ASP B 73 -18.11 -1.62 25.97
CA ASP B 73 -17.59 -1.98 27.26
C ASP B 73 -18.54 -2.93 27.95
N GLU B 74 -19.84 -2.69 27.84
CA GLU B 74 -20.83 -3.33 28.68
C GLU B 74 -21.51 -4.55 28.10
N VAL B 75 -21.75 -4.54 26.79
CA VAL B 75 -22.33 -5.68 26.08
C VAL B 75 -21.19 -6.62 25.63
N TRP B 76 -20.12 -6.01 25.12
CA TRP B 76 -19.11 -6.77 24.43
C TRP B 76 -17.91 -7.13 25.31
N HIS B 77 -17.92 -6.55 26.51
CA HIS B 77 -16.88 -6.76 27.56
C HIS B 77 -15.46 -6.50 27.08
N ILE B 78 -15.29 -5.48 26.26
CA ILE B 78 -14.00 -5.07 25.74
C ILE B 78 -13.76 -3.78 26.53
N HIS B 79 -12.89 -3.88 27.53
CA HIS B 79 -12.74 -2.85 28.54
C HIS B 79 -11.55 -1.93 28.19
N ASN B 80 -11.64 -0.68 28.65
CA ASN B 80 -10.58 0.34 28.50
C ASN B 80 -10.09 0.57 27.07
N ILE B 81 -11.03 0.53 26.12
CA ILE B 81 -10.81 1.00 24.74
C ILE B 81 -10.81 2.56 24.63
N ASN B 82 -10.11 3.09 23.63
CA ASN B 82 -10.08 4.51 23.36
C ASN B 82 -10.56 4.75 21.95
N ILE B 83 -11.42 5.75 21.76
CA ILE B 83 -11.87 6.11 20.44
C ILE B 83 -11.24 7.46 20.12
N SER B 84 -10.40 7.51 19.10
CA SER B 84 -9.85 8.78 18.63
C SER B 84 -10.69 9.27 17.46
N GLU B 85 -10.76 10.59 17.29
CA GLU B 85 -11.50 11.15 16.15
C GLU B 85 -10.59 11.78 15.10
N PHE B 86 -10.97 11.68 13.84
CA PHE B 86 -10.20 12.24 12.78
C PHE B 86 -11.18 12.95 11.89
N ILE B 87 -10.93 14.22 11.60
CA ILE B 87 -11.89 15.01 10.83
C ILE B 87 -11.40 15.15 9.40
N TYR B 88 -12.19 14.75 8.43
CA TYR B 88 -11.83 15.04 7.05
C TYR B 88 -12.57 16.27 6.53
N ASP B 89 -11.95 17.00 5.60
CA ASP B 89 -12.57 18.21 5.09
C ASP B 89 -13.56 18.13 3.91
N SER B 90 -13.53 17.12 3.07
CA SER B 90 -14.58 16.97 2.07
C SER B 90 -14.88 15.51 1.80
N PRO B 91 -16.14 15.19 1.38
CA PRO B 91 -16.53 13.80 1.17
C PRO B 91 -16.01 13.22 -0.17
N HIS B 92 -14.69 13.22 -0.33
CA HIS B 92 -14.05 12.70 -1.53
C HIS B 92 -12.90 11.76 -1.15
N PHE B 93 -12.57 10.83 -2.06
CA PHE B 93 -11.62 9.76 -1.78
C PHE B 93 -10.33 10.28 -1.19
N ASP B 94 -9.72 11.25 -1.87
CA ASP B 94 -8.42 11.71 -1.41
C ASP B 94 -8.38 12.39 -0.03
N SER B 95 -9.38 13.21 0.29
CA SER B 95 -9.47 13.79 1.65
C SER B 95 -9.83 12.74 2.75
N ILE B 96 -10.77 11.83 2.49
CA ILE B 96 -11.09 10.77 3.48
C ILE B 96 -9.88 9.80 3.70
N LYS B 97 -9.20 9.47 2.62
CA LYS B 97 -8.08 8.54 2.67
C LYS B 97 -6.91 9.16 3.47
N SER B 98 -6.72 10.47 3.36
CA SER B 98 -5.67 11.09 4.15
C SER B 98 -5.92 10.95 5.66
N GLN B 99 -7.18 11.03 6.10
CA GLN B 99 -7.52 10.79 7.50
C GLN B 99 -7.47 9.31 7.93
N VAL B 100 -7.77 8.42 7.00
CA VAL B 100 -7.61 6.95 7.20
C VAL B 100 -6.13 6.59 7.43
N ASP B 101 -5.23 7.17 6.62
CA ASP B 101 -3.78 6.94 6.79
C ASP B 101 -3.21 7.52 8.12
N ASN B 102 -3.66 8.71 8.46
CA ASN B 102 -3.38 9.31 9.76
C ASN B 102 -3.76 8.41 10.93
N ALA B 103 -4.98 7.83 10.90
CA ALA B 103 -5.41 6.90 11.97
C ALA B 103 -4.53 5.66 11.95
N ILE B 104 -4.27 5.14 10.77
CA ILE B 104 -3.41 3.96 10.71
C ILE B 104 -2.00 4.21 11.33
N ASP B 105 -1.40 5.37 11.03
CA ASP B 105 -0.05 5.61 11.49
C ASP B 105 0.01 5.85 13.00
N THR B 106 -1.15 6.15 13.56
CA THR B 106 -1.27 6.36 14.99
C THR B 106 -1.31 5.04 15.80
N GLY B 107 -1.72 3.93 15.17
CA GLY B 107 -1.86 2.65 15.86
C GLY B 107 -3.27 2.40 16.39
N VAL B 108 -4.13 1.86 15.49
CA VAL B 108 -5.51 1.54 15.84
C VAL B 108 -5.82 0.10 15.43
N ASP B 109 -6.71 -0.52 16.21
CA ASP B 109 -7.24 -1.85 15.92
C ASP B 109 -8.29 -1.91 14.81
N GLY B 110 -8.99 -0.80 14.61
CA GLY B 110 -10.10 -0.75 13.67
C GLY B 110 -10.46 0.68 13.40
N ILE B 111 -11.16 0.91 12.31
CA ILE B 111 -11.61 2.23 11.87
C ILE B 111 -13.17 2.23 11.68
N MET B 112 -13.86 3.11 12.39
CA MET B 112 -15.26 3.41 12.07
C MET B 112 -15.29 4.66 11.20
N LEU B 113 -15.97 4.62 10.07
CA LEU B 113 -15.90 5.76 9.17
C LEU B 113 -17.33 6.18 8.84
N VAL B 114 -17.63 7.47 9.06
CA VAL B 114 -18.95 8.05 8.75
C VAL B 114 -18.94 8.71 7.35
N LEU B 115 -19.89 8.33 6.50
CA LEU B 115 -20.09 9.00 5.19
C LEU B 115 -21.41 9.80 5.18
N PRO B 116 -21.42 11.05 4.59
CA PRO B 116 -22.68 11.83 4.39
C PRO B 116 -23.69 11.26 3.35
N GLU B 117 -23.41 10.07 2.84
CA GLU B 117 -23.38 9.84 1.39
C GLU B 117 -24.54 9.69 0.43
N TYR B 118 -24.99 8.43 0.32
CA TYR B 118 -25.16 7.64 -0.90
C TYR B 118 -23.82 7.17 -1.44
N ASN B 119 -23.34 7.81 -2.52
CA ASN B 119 -22.01 7.60 -3.17
C ASN B 119 -21.35 6.20 -3.27
N THR B 120 -21.96 5.35 -4.10
CA THR B 120 -21.54 3.95 -4.31
C THR B 120 -20.12 3.77 -4.83
N PRO B 121 -19.69 4.55 -5.87
CA PRO B 121 -18.28 4.39 -6.21
C PRO B 121 -17.32 4.70 -5.05
N LEU B 122 -17.55 5.79 -4.32
CA LEU B 122 -16.63 6.17 -3.24
C LEU B 122 -16.63 5.12 -2.14
N TYR B 123 -17.81 4.59 -1.80
CA TYR B 123 -17.93 3.53 -0.84
C TYR B 123 -17.01 2.36 -1.23
N TYR B 124 -17.13 1.83 -2.45
CA TYR B 124 -16.29 0.67 -2.82
C TYR B 124 -14.77 0.92 -2.93
N LYS B 125 -14.36 2.13 -3.30
CA LYS B 125 -12.97 2.49 -3.29
C LYS B 125 -12.44 2.51 -1.88
N LEU B 126 -13.14 3.15 -0.97
CA LEU B 126 -12.68 3.24 0.41
C LEU B 126 -12.74 1.88 1.11
N LYS B 127 -13.87 1.18 0.91
CA LYS B 127 -14.10 -0.11 1.56
C LYS B 127 -13.05 -1.13 1.11
N SER B 128 -12.77 -1.21 -0.20
CA SER B 128 -11.70 -2.10 -0.67
C SER B 128 -10.32 -1.69 -0.15
N TYR B 129 -10.04 -0.38 -0.09
CA TYR B 129 -8.79 0.04 0.54
C TYR B 129 -8.72 -0.42 1.98
N LEU B 130 -9.80 -0.26 2.73
CA LEU B 130 -9.80 -0.72 4.14
C LEU B 130 -9.73 -2.24 4.35
N ILE B 131 -10.33 -3.03 3.47
CA ILE B 131 -10.29 -4.48 3.59
C ILE B 131 -8.84 -4.93 3.55
N ASN B 132 -8.10 -4.37 2.59
CA ASN B 132 -6.66 -4.58 2.44
C ASN B 132 -5.74 -3.99 3.55
N SER B 133 -6.32 -3.27 4.52
CA SER B 133 -5.53 -2.58 5.56
C SER B 133 -5.82 -2.96 7.05
N ILE B 134 -7.07 -2.88 7.47
CA ILE B 134 -7.41 -2.83 8.90
C ILE B 134 -8.92 -3.11 9.03
N PRO B 135 -9.38 -3.84 10.08
CA PRO B 135 -10.85 -3.97 10.25
C PRO B 135 -11.63 -2.63 10.23
N SER B 136 -12.77 -2.63 9.52
CA SER B 136 -13.51 -1.38 9.34
C SER B 136 -15.04 -1.54 9.35
N GLN B 137 -15.68 -0.44 9.72
CA GLN B 137 -17.12 -0.38 9.73
C GLN B 137 -17.55 0.95 9.18
N PHE B 138 -18.31 0.94 8.10
CA PHE B 138 -18.97 2.19 7.59
C PHE B 138 -20.36 2.47 8.17
N MET B 139 -20.70 3.78 8.17
CA MET B 139 -21.96 4.32 8.71
C MET B 139 -22.33 5.52 7.85
N ARG B 140 -23.62 5.71 7.63
CA ARG B 140 -24.06 6.91 6.89
C ARG B 140 -24.80 7.93 7.79
N TYR B 141 -24.39 9.22 7.78
CA TYR B 141 -25.06 10.22 8.65
C TYR B 141 -26.54 10.29 8.28
N ASP B 142 -26.85 10.24 6.99
CA ASP B 142 -28.24 10.32 6.51
C ASP B 142 -29.09 9.15 6.95
N ILE B 143 -28.52 7.95 6.96
CA ILE B 143 -29.22 6.77 7.49
C ILE B 143 -29.38 6.89 9.02
N LEU B 144 -28.27 7.15 9.72
CA LEU B 144 -28.21 7.06 11.19
C LEU B 144 -28.89 8.20 11.92
N SER B 145 -28.92 9.39 11.33
CA SER B 145 -29.58 10.55 11.97
C SER B 145 -31.08 10.48 11.83
N ASN B 146 -31.56 9.79 10.79
CA ASN B 146 -32.97 9.50 10.63
C ASN B 146 -33.35 8.13 11.20
N ARG B 147 -32.57 7.66 12.18
CA ARG B 147 -32.84 6.33 12.70
C ARG B 147 -33.18 6.29 14.17
N ASN B 148 -33.04 5.08 14.69
CA ASN B 148 -33.40 4.66 16.01
C ASN B 148 -32.04 4.22 16.55
N LEU B 149 -31.37 5.13 17.26
CA LEU B 149 -29.93 5.03 17.46
C LEU B 149 -29.41 3.80 18.22
N THR B 150 -30.19 3.22 19.15
CA THR B 150 -29.69 2.00 19.83
C THR B 150 -29.87 0.77 18.96
N PHE B 151 -31.03 0.58 18.33
CA PHE B 151 -31.15 -0.52 17.35
C PHE B 151 -29.97 -0.49 16.33
N TYR B 152 -29.61 0.72 15.92
CA TYR B 152 -28.62 0.96 14.89
C TYR B 152 -27.24 0.53 15.42
N VAL B 153 -26.82 1.17 16.55
CA VAL B 153 -25.54 0.92 17.20
C VAL B 153 -25.38 -0.52 17.66
N ASP B 154 -26.42 -1.07 18.29
CA ASP B 154 -26.51 -2.49 18.68
C ASP B 154 -26.10 -3.49 17.63
N ASN B 155 -26.77 -3.42 16.45
CA ASN B 155 -26.53 -4.31 15.30
C ASN B 155 -25.19 -4.09 14.69
N LEU B 156 -24.79 -2.82 14.66
CA LEU B 156 -23.54 -2.53 13.97
C LEU B 156 -22.35 -3.07 14.75
N LEU B 157 -22.51 -3.15 16.07
CA LEU B 157 -21.43 -3.68 16.88
C LEU B 157 -21.32 -5.23 16.78
N VAL B 158 -22.40 -5.95 16.46
CA VAL B 158 -22.25 -7.38 16.18
C VAL B 158 -21.18 -7.66 15.07
N GLN B 159 -21.35 -6.96 13.95
CA GLN B 159 -20.52 -7.04 12.73
C GLN B 159 -19.10 -6.54 13.03
N PHE B 160 -19.02 -5.35 13.63
CA PHE B 160 -17.73 -4.76 13.98
C PHE B 160 -16.90 -5.63 14.93
N VAL B 161 -17.53 -6.18 15.98
CA VAL B 161 -16.72 -7.01 16.91
C VAL B 161 -16.26 -8.34 16.21
N SER B 162 -17.06 -8.90 15.30
CA SER B 162 -16.66 -10.09 14.50
C SER B 162 -15.48 -9.76 13.58
N LYS B 163 -15.56 -8.61 12.90
CA LYS B 163 -14.47 -8.04 12.08
C LYS B 163 -13.14 -7.81 12.83
N LEU B 164 -13.23 -7.48 14.12
CA LEU B 164 -12.09 -7.39 14.98
C LEU B 164 -11.57 -8.71 15.52
N GLY B 165 -12.20 -9.82 15.12
CA GLY B 165 -11.76 -11.16 15.50
C GLY B 165 -12.54 -11.72 16.69
N GLY B 166 -13.59 -11.08 17.15
CA GLY B 166 -14.37 -11.65 18.28
C GLY B 166 -15.35 -12.69 17.74
N LYS B 167 -15.98 -13.44 18.66
CA LYS B 167 -17.02 -14.41 18.32
C LYS B 167 -18.20 -14.13 19.20
N PRO B 168 -19.19 -13.39 18.68
CA PRO B 168 -20.35 -13.03 19.46
C PRO B 168 -21.01 -14.19 20.21
N TRP B 169 -21.37 -15.22 19.44
CA TRP B 169 -22.00 -16.44 19.93
C TRP B 169 -21.78 -17.59 18.95
N ILE B 170 -21.85 -18.84 19.45
CA ILE B 170 -21.83 -19.99 18.50
C ILE B 170 -23.05 -20.89 18.75
N LEU B 171 -23.33 -21.78 17.79
CA LEU B 171 -24.42 -22.76 17.94
C LEU B 171 -23.97 -23.80 18.93
N ASN B 172 -24.87 -24.16 19.86
CA ASN B 172 -24.73 -25.38 20.67
C ASN B 172 -25.13 -26.60 19.86
N VAL B 173 -24.20 -27.47 19.57
CA VAL B 173 -24.57 -28.65 18.83
C VAL B 173 -23.98 -29.83 19.53
N ASP B 174 -24.51 -31.01 19.19
CA ASP B 174 -24.09 -32.28 19.71
C ASP B 174 -22.80 -32.65 19.02
N PRO B 175 -21.68 -32.73 19.80
CA PRO B 175 -20.37 -33.13 19.24
C PRO B 175 -20.37 -34.53 18.58
N GLU B 176 -21.33 -35.38 18.96
CA GLU B 176 -21.50 -36.73 18.37
C GLU B 176 -22.20 -36.81 16.98
N LYS B 177 -22.86 -35.72 16.60
CA LYS B 177 -23.65 -35.65 15.36
C LYS B 177 -23.11 -34.53 14.45
N GLY B 178 -23.41 -34.63 13.15
CA GLY B 178 -22.98 -33.63 12.17
C GLY B 178 -21.55 -33.87 11.65
N SER B 179 -21.16 -33.03 10.69
CA SER B 179 -19.82 -33.00 10.06
C SER B 179 -18.74 -32.42 10.98
N ASP B 180 -17.53 -32.97 10.86
CA ASP B 180 -16.32 -32.33 11.38
C ASP B 180 -16.05 -30.94 10.78
N ILE B 181 -16.09 -30.86 9.45
CA ILE B 181 -16.06 -29.54 8.81
C ILE B 181 -17.10 -29.54 7.66
N ILE B 182 -17.66 -28.36 7.41
CA ILE B 182 -18.51 -28.09 6.26
C ILE B 182 -17.76 -27.11 5.37
N ILE B 183 -17.70 -27.43 4.11
CA ILE B 183 -17.09 -26.46 3.18
C ILE B 183 -18.13 -25.86 2.28
N GLY B 184 -18.33 -24.57 2.39
CA GLY B 184 -19.20 -23.95 1.43
C GLY B 184 -18.37 -23.61 0.22
N THR B 185 -18.81 -24.10 -0.93
CA THR B 185 -18.05 -23.88 -2.18
C THR B 185 -18.95 -23.68 -3.41
N GLY B 186 -18.37 -23.28 -4.52
CA GLY B 186 -19.10 -23.00 -5.73
C GLY B 186 -18.43 -21.82 -6.42
N ALA B 187 -19.24 -21.01 -7.07
CA ALA B 187 -18.78 -19.81 -7.76
C ALA B 187 -20.01 -18.95 -7.89
N THR B 188 -19.83 -17.66 -8.17
CA THR B 188 -20.93 -16.78 -8.47
C THR B 188 -20.54 -15.93 -9.68
N ARG B 189 -21.42 -15.85 -10.67
CA ARG B 189 -21.25 -14.91 -11.78
C ARG B 189 -21.29 -13.49 -11.27
N ILE B 190 -20.42 -12.63 -11.77
CA ILE B 190 -20.46 -11.22 -11.40
C ILE B 190 -20.96 -10.34 -12.56
N ASP B 191 -21.06 -10.97 -13.72
CA ASP B 191 -21.77 -10.48 -14.89
C ASP B 191 -22.00 -11.68 -15.83
N ASN B 192 -22.21 -11.40 -17.11
CA ASN B 192 -22.51 -12.44 -18.09
C ASN B 192 -21.40 -13.46 -18.48
N VAL B 193 -20.15 -13.03 -18.31
CA VAL B 193 -18.96 -13.80 -18.65
C VAL B 193 -18.10 -14.10 -17.40
N ASN B 194 -17.98 -13.13 -16.50
CA ASN B 194 -17.07 -13.21 -15.36
C ASN B 194 -17.66 -13.86 -14.09
N LEU B 195 -16.81 -14.58 -13.37
CA LEU B 195 -17.14 -15.27 -12.16
C LEU B 195 -15.89 -15.33 -11.25
N PHE B 196 -16.08 -15.76 -10.02
CA PHE B 196 -14.99 -16.04 -9.12
C PHE B 196 -15.45 -17.29 -8.36
N CYS B 197 -14.49 -18.10 -7.95
CA CYS B 197 -14.80 -19.27 -7.15
C CYS B 197 -14.54 -18.95 -5.66
N PHE B 198 -15.20 -19.66 -4.75
CA PHE B 198 -15.04 -19.47 -3.31
C PHE B 198 -14.94 -20.86 -2.65
N ALA B 199 -14.25 -20.93 -1.52
CA ALA B 199 -14.27 -22.10 -0.65
C ALA B 199 -14.03 -21.60 0.79
N MET B 200 -14.97 -21.94 1.67
CA MET B 200 -15.02 -21.50 3.04
C MET B 200 -15.22 -22.68 3.92
N VAL B 201 -14.30 -22.88 4.87
CA VAL B 201 -14.37 -23.97 5.83
C VAL B 201 -15.07 -23.52 7.14
N PHE B 202 -16.08 -24.27 7.59
CA PHE B 202 -16.77 -23.96 8.83
C PHE B 202 -16.75 -25.18 9.77
N LYS B 203 -16.84 -24.97 11.09
CA LYS B 203 -17.13 -26.01 12.10
C LYS B 203 -18.63 -26.14 12.15
N LYS B 204 -19.13 -27.27 12.66
CA LYS B 204 -20.60 -27.49 12.86
C LYS B 204 -21.26 -26.42 13.74
N ASP B 205 -20.48 -25.71 14.58
CA ASP B 205 -21.01 -24.68 15.47
C ASP B 205 -21.13 -23.32 14.77
N GLY B 206 -20.78 -23.30 13.50
CA GLY B 206 -21.12 -22.17 12.65
C GLY B 206 -19.99 -21.19 12.51
N THR B 207 -18.85 -21.47 13.13
CA THR B 207 -17.74 -20.55 13.01
C THR B 207 -16.91 -20.81 11.73
N MET B 208 -16.59 -19.74 11.01
CA MET B 208 -15.75 -19.81 9.84
C MET B 208 -14.31 -19.95 10.30
N LEU B 209 -13.64 -21.00 9.81
CA LEU B 209 -12.24 -21.24 10.13
C LEU B 209 -11.32 -20.66 9.06
N TRP B 210 -11.70 -20.78 7.78
CA TRP B 210 -10.81 -20.38 6.70
C TRP B 210 -11.61 -20.02 5.45
N ASN B 211 -11.15 -19.03 4.70
CA ASN B 211 -11.77 -18.78 3.39
C ASN B 211 -10.79 -18.38 2.30
N GLU B 212 -11.05 -18.92 1.11
CA GLU B 212 -10.27 -18.64 -0.12
C GLU B 212 -11.19 -18.16 -1.25
N ILE B 213 -10.76 -17.16 -2.02
CA ILE B 213 -11.55 -16.69 -3.18
C ILE B 213 -10.61 -16.78 -4.43
N SER B 214 -11.13 -17.11 -5.63
CA SER B 214 -10.22 -17.22 -6.79
C SER B 214 -10.08 -15.83 -7.36
N PRO B 215 -9.07 -15.60 -8.21
CA PRO B 215 -9.22 -14.40 -9.04
C PRO B 215 -10.53 -14.42 -9.85
N ILE B 216 -10.98 -13.24 -10.22
CA ILE B 216 -12.06 -13.09 -11.19
C ILE B 216 -11.63 -13.71 -12.53
N VAL B 217 -12.37 -14.73 -12.94
CA VAL B 217 -12.10 -15.45 -14.19
C VAL B 217 -13.34 -15.50 -15.12
N THR B 218 -13.14 -16.03 -16.32
CA THR B 218 -14.27 -16.23 -17.25
C THR B 218 -14.88 -17.60 -17.02
N SER B 219 -16.09 -17.82 -17.57
CA SER B 219 -16.84 -19.02 -17.26
C SER B 219 -16.14 -20.32 -17.74
N SER B 220 -15.40 -20.21 -18.84
CA SER B 220 -14.54 -21.29 -19.32
C SER B 220 -13.48 -21.82 -18.32
N GLU B 221 -13.05 -21.01 -17.36
CA GLU B 221 -12.00 -21.36 -16.41
C GLU B 221 -12.54 -21.97 -15.12
N TYR B 222 -13.83 -22.30 -15.08
CA TYR B 222 -14.55 -22.51 -13.81
C TYR B 222 -14.04 -23.73 -13.06
N LEU B 223 -14.05 -24.87 -13.75
CA LEU B 223 -13.67 -26.15 -13.19
C LEU B 223 -12.24 -26.20 -12.67
N THR B 224 -11.32 -25.55 -13.37
CA THR B 224 -9.93 -25.39 -12.98
C THR B 224 -9.79 -24.59 -11.66
N TYR B 225 -10.36 -23.40 -11.61
CA TYR B 225 -10.29 -22.62 -10.39
C TYR B 225 -11.17 -23.17 -9.25
N LEU B 226 -12.20 -23.96 -9.56
CA LEU B 226 -13.05 -24.52 -8.49
C LEU B 226 -12.20 -25.51 -7.72
N LYS B 227 -11.55 -26.41 -8.48
CA LYS B 227 -10.68 -27.41 -7.88
C LYS B 227 -9.59 -26.79 -6.99
N SER B 228 -8.80 -25.86 -7.55
CA SER B 228 -7.72 -25.23 -6.82
C SER B 228 -8.13 -24.30 -5.68
N THR B 229 -9.21 -23.54 -5.83
CA THR B 229 -9.72 -22.78 -4.68
C THR B 229 -10.02 -23.62 -3.42
N ILE B 230 -10.65 -24.79 -3.67
CA ILE B 230 -10.98 -25.79 -2.65
C ILE B 230 -9.71 -26.37 -2.04
N LYS B 231 -8.74 -26.73 -2.88
CA LYS B 231 -7.46 -27.21 -2.38
C LYS B 231 -6.77 -26.23 -1.45
N LYS B 232 -6.73 -24.96 -1.87
CA LYS B 232 -6.13 -23.86 -1.08
C LYS B 232 -6.77 -23.67 0.29
N VAL B 233 -8.09 -23.77 0.37
CA VAL B 233 -8.80 -23.58 1.63
C VAL B 233 -8.50 -24.75 2.57
N VAL B 234 -8.40 -25.97 2.06
CA VAL B 234 -8.12 -27.11 2.94
C VAL B 234 -6.66 -27.07 3.38
N TYR B 235 -5.71 -26.79 2.47
CA TYR B 235 -4.27 -26.66 2.86
C TYR B 235 -4.11 -25.65 4.01
N GLY B 236 -4.67 -24.45 3.85
CA GLY B 236 -4.62 -23.44 4.88
C GLY B 236 -5.39 -23.78 6.15
N PHE B 237 -6.53 -24.47 6.04
CA PHE B 237 -7.18 -24.96 7.22
C PHE B 237 -6.31 -26.02 7.90
N LYS B 238 -5.72 -26.92 7.13
CA LYS B 238 -4.91 -28.00 7.68
C LYS B 238 -3.63 -27.50 8.33
N LYS B 239 -2.90 -26.65 7.62
CA LYS B 239 -1.75 -25.94 8.21
C LYS B 239 -2.02 -25.24 9.57
N SER B 240 -3.17 -24.57 9.73
CA SER B 240 -3.51 -23.95 11.03
C SER B 240 -4.36 -24.86 11.96
N ASN B 241 -4.42 -26.16 11.65
CA ASN B 241 -5.13 -27.20 12.44
C ASN B 241 -4.63 -28.62 12.12
N PRO B 242 -3.31 -28.94 12.34
CA PRO B 242 -2.86 -30.30 11.98
C PRO B 242 -3.53 -31.43 12.77
N ASP B 243 -3.99 -31.16 13.98
CA ASP B 243 -4.63 -32.21 14.75
C ASP B 243 -6.15 -32.13 14.75
N TRP B 244 -6.67 -31.40 13.76
CA TRP B 244 -8.10 -31.42 13.49
C TRP B 244 -8.32 -32.42 12.37
N ASP B 245 -8.56 -33.67 12.75
CA ASP B 245 -8.89 -34.73 11.79
C ASP B 245 -10.33 -34.66 11.28
N VAL B 246 -10.42 -34.81 9.97
CA VAL B 246 -11.66 -34.70 9.24
C VAL B 246 -12.10 -36.12 8.88
N GLU B 247 -12.92 -36.70 9.78
CA GLU B 247 -13.56 -38.00 9.55
C GLU B 247 -14.91 -37.85 8.87
N LYS B 248 -15.62 -36.75 9.18
CA LYS B 248 -16.95 -36.48 8.62
C LYS B 248 -16.90 -35.15 7.86
N LEU B 249 -17.23 -35.19 6.57
CA LEU B 249 -17.09 -34.03 5.71
C LEU B 249 -18.27 -33.84 4.79
N THR B 250 -18.71 -32.60 4.72
CA THR B 250 -19.75 -32.23 3.81
C THR B 250 -19.42 -30.98 3.03
N LEU B 251 -19.77 -30.99 1.75
CA LEU B 251 -19.67 -29.82 0.88
C LEU B 251 -21.03 -29.27 0.61
N HIS B 252 -21.22 -27.98 0.84
CA HIS B 252 -22.40 -27.29 0.34
C HIS B 252 -22.07 -26.47 -0.89
N VAL B 253 -22.58 -26.88 -2.04
CA VAL B 253 -22.28 -26.20 -3.27
C VAL B 253 -23.45 -25.29 -3.61
N SER B 254 -23.09 -24.05 -3.92
CA SER B 254 -24.04 -22.95 -4.17
C SER B 254 -23.43 -21.90 -5.09
N GLY B 255 -24.30 -21.04 -5.59
CA GLY B 255 -23.91 -19.87 -6.33
C GLY B 255 -24.53 -20.02 -7.69
N LYS B 256 -24.82 -18.87 -8.29
CA LYS B 256 -25.26 -18.79 -9.67
C LYS B 256 -24.02 -18.98 -10.57
N ARG B 257 -23.83 -20.18 -11.11
CA ARG B 257 -22.56 -20.57 -11.72
C ARG B 257 -22.81 -21.35 -13.05
N PRO B 258 -21.77 -21.66 -13.83
CA PRO B 258 -21.99 -22.39 -15.10
C PRO B 258 -22.72 -23.74 -14.97
N LYS B 259 -23.59 -24.03 -15.92
CA LYS B 259 -24.42 -25.24 -15.84
C LYS B 259 -23.66 -26.50 -16.32
N MET B 260 -22.89 -27.08 -15.40
CA MET B 260 -22.11 -28.28 -15.66
C MET B 260 -22.27 -29.26 -14.50
N LYS B 261 -23.53 -29.60 -14.15
CA LYS B 261 -23.84 -30.49 -13.01
C LYS B 261 -22.93 -31.72 -13.02
N ASP B 262 -23.01 -32.50 -14.09
CA ASP B 262 -22.24 -33.74 -14.23
C ASP B 262 -20.69 -33.53 -14.15
N GLY B 263 -20.16 -32.57 -14.90
CA GLY B 263 -18.72 -32.30 -14.86
C GLY B 263 -18.22 -31.70 -13.55
N GLU B 264 -19.01 -30.80 -12.99
CA GLU B 264 -18.73 -30.24 -11.66
C GLU B 264 -18.69 -31.29 -10.54
N THR B 265 -19.68 -32.16 -10.48
CA THR B 265 -19.67 -33.24 -9.47
C THR B 265 -18.43 -34.11 -9.61
N LYS B 266 -18.10 -34.48 -10.85
CA LYS B 266 -16.91 -35.31 -11.13
C LYS B 266 -15.70 -34.63 -10.51
N ILE B 267 -15.52 -33.37 -10.88
CA ILE B 267 -14.40 -32.56 -10.46
C ILE B 267 -14.32 -32.51 -8.93
N LEU B 268 -15.48 -32.34 -8.27
CA LEU B 268 -15.49 -32.25 -6.80
C LEU B 268 -15.16 -33.56 -6.08
N LYS B 269 -15.69 -34.67 -6.59
CA LYS B 269 -15.31 -36.00 -6.12
C LYS B 269 -13.80 -36.27 -6.21
N GLU B 270 -13.23 -36.06 -7.42
CA GLU B 270 -11.77 -36.05 -7.68
C GLU B 270 -10.98 -35.30 -6.60
N THR B 271 -11.36 -34.04 -6.40
CA THR B 271 -10.74 -33.12 -5.42
C THR B 271 -10.65 -33.75 -4.02
N VAL B 272 -11.81 -34.21 -3.47
CA VAL B 272 -11.87 -34.98 -2.20
C VAL B 272 -10.98 -36.22 -2.24
N GLU B 273 -11.13 -37.03 -3.30
CA GLU B 273 -10.25 -38.19 -3.56
C GLU B 273 -8.78 -37.81 -3.38
N GLU B 274 -8.38 -36.68 -3.96
CA GLU B 274 -6.98 -36.21 -3.91
C GLU B 274 -6.57 -35.66 -2.56
N LEU B 275 -7.53 -35.12 -1.80
CA LEU B 275 -7.22 -34.54 -0.50
C LEU B 275 -6.90 -35.68 0.48
N LYS B 276 -7.69 -36.74 0.36
CA LYS B 276 -7.47 -38.05 0.94
C LYS B 276 -6.05 -38.61 0.69
N LYS B 277 -5.65 -38.60 -0.59
CA LYS B 277 -4.34 -39.09 -1.05
C LYS B 277 -3.15 -38.43 -0.33
N GLN B 278 -3.31 -37.18 0.08
CA GLN B 278 -2.24 -36.45 0.77
C GLN B 278 -2.45 -36.21 2.28
N GLU B 279 -3.29 -37.04 2.91
CA GLU B 279 -3.45 -36.99 4.37
C GLU B 279 -4.21 -35.75 4.92
N MET B 280 -4.62 -34.85 4.02
CA MET B 280 -5.36 -33.62 4.37
C MET B 280 -6.71 -33.94 5.02
N VAL B 281 -7.37 -34.96 4.49
CA VAL B 281 -8.52 -35.56 5.16
C VAL B 281 -8.20 -37.04 5.37
N SER B 282 -8.86 -37.63 6.37
CA SER B 282 -8.78 -39.09 6.65
C SER B 282 -9.02 -39.94 5.41
N ARG B 283 -8.18 -40.96 5.23
CA ARG B 283 -8.28 -41.87 4.08
C ARG B 283 -9.61 -42.65 4.06
N ASP B 284 -10.32 -42.68 5.20
CA ASP B 284 -11.63 -43.36 5.29
C ASP B 284 -12.75 -42.40 5.78
N VAL B 285 -12.61 -41.14 5.35
CA VAL B 285 -13.57 -40.06 5.56
C VAL B 285 -14.94 -40.38 4.89
N LYS B 286 -16.04 -40.16 5.61
CA LYS B 286 -17.37 -40.21 4.99
C LYS B 286 -17.70 -38.82 4.56
N TYR B 287 -18.13 -38.70 3.32
CA TYR B 287 -18.37 -37.41 2.75
C TYR B 287 -19.63 -37.48 1.89
N ALA B 288 -20.24 -36.30 1.74
CA ALA B 288 -21.34 -36.06 0.85
C ALA B 288 -21.18 -34.68 0.24
N ILE B 289 -21.54 -34.57 -1.04
CA ILE B 289 -21.59 -33.32 -1.77
C ILE B 289 -23.05 -32.95 -1.98
N LEU B 290 -23.39 -31.70 -1.63
CA LEU B 290 -24.80 -31.29 -1.60
C LEU B 290 -24.92 -30.08 -2.47
N HIS B 291 -25.98 -30.02 -3.28
CA HIS B 291 -26.38 -28.77 -3.94
C HIS B 291 -27.47 -28.08 -3.12
N LEU B 292 -27.20 -26.85 -2.72
CA LEU B 292 -28.10 -26.00 -1.93
C LEU B 292 -28.64 -24.84 -2.77
N ASN B 293 -29.96 -24.76 -2.95
CA ASN B 293 -30.50 -23.73 -3.78
C ASN B 293 -31.64 -23.05 -3.10
N GLU B 294 -31.65 -21.74 -3.17
CA GLU B 294 -32.80 -21.01 -2.69
C GLU B 294 -33.85 -21.15 -3.79
N THR B 295 -35.11 -21.36 -3.41
CA THR B 295 -36.21 -21.59 -4.38
C THR B 295 -37.32 -20.59 -4.06
N HIS B 296 -38.41 -20.60 -4.83
CA HIS B 296 -39.39 -19.52 -4.72
C HIS B 296 -40.17 -19.57 -3.40
N PRO B 297 -40.25 -18.42 -2.71
CA PRO B 297 -40.99 -18.44 -1.42
C PRO B 297 -42.48 -18.72 -1.58
N PHE B 298 -43.17 -19.11 -0.52
CA PHE B 298 -44.59 -19.39 -0.61
C PHE B 298 -45.21 -19.07 0.73
N TRP B 299 -46.54 -19.05 0.82
CA TRP B 299 -47.28 -18.67 2.03
C TRP B 299 -48.21 -19.78 2.50
N VAL B 300 -48.05 -20.19 3.76
CA VAL B 300 -49.09 -21.01 4.38
C VAL B 300 -50.23 -20.08 4.78
N MET B 301 -51.46 -20.44 4.45
CA MET B 301 -52.59 -19.58 4.71
C MET B 301 -53.28 -20.20 5.88
N GLY B 313 -39.54 -25.62 11.62
CA GLY B 313 -38.48 -26.18 10.74
C GLY B 313 -38.76 -27.60 10.15
N THR B 314 -39.17 -27.70 8.88
CA THR B 314 -39.62 -28.99 8.35
C THR B 314 -38.78 -29.56 7.22
N LYS B 315 -38.75 -30.87 7.15
CA LYS B 315 -38.02 -31.58 6.14
C LYS B 315 -38.97 -32.30 5.21
N VAL B 316 -38.76 -32.11 3.91
CA VAL B 316 -39.53 -32.75 2.89
C VAL B 316 -38.62 -33.54 1.95
N LYS B 317 -38.90 -34.81 1.77
CA LYS B 317 -38.30 -35.62 0.71
C LYS B 317 -39.15 -35.49 -0.60
N LEU B 318 -38.49 -35.19 -1.73
CA LEU B 318 -39.18 -35.01 -3.02
C LEU B 318 -38.88 -36.18 -3.92
N SER B 319 -37.81 -36.90 -3.59
CA SER B 319 -37.40 -38.15 -4.23
C SER B 319 -36.17 -38.67 -3.48
N SER B 320 -35.56 -39.74 -3.98
CA SER B 320 -34.47 -40.44 -3.25
C SER B 320 -33.31 -39.54 -2.84
N LYS B 321 -33.00 -38.54 -3.67
CA LYS B 321 -31.87 -37.63 -3.46
C LYS B 321 -32.22 -36.14 -3.29
N ARG B 322 -33.49 -35.77 -3.43
CA ARG B 322 -33.85 -34.36 -3.36
C ARG B 322 -34.74 -34.07 -2.19
N TYR B 323 -34.35 -33.07 -1.43
CA TYR B 323 -35.05 -32.66 -0.22
C TYR B 323 -35.35 -31.18 -0.26
N LEU B 324 -36.31 -30.77 0.56
CA LEU B 324 -36.59 -29.38 0.84
C LEU B 324 -36.58 -29.14 2.33
N LEU B 325 -35.95 -28.04 2.73
CA LEU B 325 -36.02 -27.53 4.07
C LEU B 325 -36.82 -26.22 4.09
N THR B 326 -37.81 -26.12 4.96
CA THR B 326 -38.68 -24.95 4.94
C THR B 326 -38.45 -24.04 6.11
N LEU B 327 -37.78 -22.95 5.82
CA LEU B 327 -37.45 -21.92 6.81
C LEU B 327 -38.57 -20.89 6.91
N LEU B 328 -38.94 -20.46 8.12
CA LEU B 328 -39.67 -19.19 8.30
C LEU B 328 -38.79 -18.03 7.74
N GLN B 329 -39.39 -16.90 7.37
CA GLN B 329 -38.71 -16.01 6.45
C GLN B 329 -37.76 -14.93 7.07
N VAL B 340 -51.29 -15.44 7.13
CA VAL B 340 -50.29 -15.99 6.22
C VAL B 340 -48.90 -16.12 6.83
N THR B 341 -48.40 -17.35 6.97
CA THR B 341 -46.98 -17.56 7.29
C THR B 341 -46.10 -17.63 6.03
N PRO B 342 -45.16 -16.66 5.86
CA PRO B 342 -44.22 -16.74 4.74
C PRO B 342 -43.10 -17.78 4.99
N ILE B 343 -42.69 -18.48 3.94
CA ILE B 343 -41.73 -19.57 4.10
C ILE B 343 -40.60 -19.37 3.13
N LYS B 344 -39.38 -19.58 3.57
CA LYS B 344 -38.20 -19.48 2.69
C LYS B 344 -37.76 -20.90 2.45
N PRO B 345 -38.09 -21.48 1.29
CA PRO B 345 -37.69 -22.87 1.24
C PRO B 345 -36.27 -23.02 0.68
N LEU B 346 -35.57 -24.07 1.11
CA LEU B 346 -34.22 -24.31 0.65
C LEU B 346 -34.22 -25.70 0.04
N SER B 347 -33.75 -25.78 -1.19
CA SER B 347 -33.63 -27.04 -1.84
C SER B 347 -32.23 -27.65 -1.58
N VAL B 348 -32.22 -28.93 -1.22
CA VAL B 348 -30.98 -29.67 -0.90
C VAL B 348 -30.97 -30.98 -1.76
N GLU B 349 -29.93 -31.21 -2.56
CA GLU B 349 -29.84 -32.40 -3.40
C GLU B 349 -28.56 -33.13 -3.07
N ILE B 350 -28.63 -34.41 -2.68
CA ILE B 350 -27.38 -35.18 -2.44
C ILE B 350 -26.88 -35.59 -3.81
N VAL B 351 -25.79 -34.98 -4.30
CA VAL B 351 -25.33 -35.33 -5.65
C VAL B 351 -24.25 -36.41 -5.68
N SER B 352 -23.59 -36.65 -4.55
CA SER B 352 -22.64 -37.71 -4.45
C SER B 352 -22.38 -37.94 -2.97
N ASP B 353 -22.11 -39.21 -2.60
CA ASP B 353 -21.72 -39.55 -1.24
C ASP B 353 -21.01 -40.91 -1.26
N ASN B 354 -20.24 -41.22 -0.22
CA ASN B 354 -19.79 -42.58 0.00
C ASN B 354 -20.45 -43.27 1.21
N TRP B 355 -21.73 -43.00 1.47
CA TRP B 355 -22.43 -43.58 2.63
C TRP B 355 -22.84 -45.05 2.41
N THR B 356 -22.35 -45.93 3.29
CA THR B 356 -22.85 -47.32 3.41
C THR B 356 -24.37 -47.34 3.64
N SER B 357 -25.08 -48.24 2.97
CA SER B 357 -26.56 -48.17 2.88
C SER B 357 -27.36 -48.43 4.16
N GLU B 358 -26.72 -49.06 5.15
CA GLU B 358 -27.31 -49.25 6.48
C GLU B 358 -27.36 -47.92 7.26
N GLU B 359 -26.72 -46.90 6.68
CA GLU B 359 -26.32 -45.71 7.41
C GLU B 359 -26.97 -44.48 6.76
N TYR B 360 -27.33 -44.65 5.50
CA TYR B 360 -27.91 -43.62 4.66
C TYR B 360 -28.97 -42.70 5.27
N TYR B 361 -30.17 -43.21 5.48
CA TYR B 361 -31.31 -42.45 6.01
C TYR B 361 -31.00 -41.62 7.26
N HIS B 362 -30.21 -42.20 8.16
CA HIS B 362 -29.79 -41.54 9.39
C HIS B 362 -28.85 -40.32 9.10
N ASN B 363 -27.93 -40.50 8.15
CA ASN B 363 -27.07 -39.44 7.68
C ASN B 363 -27.79 -38.29 6.98
N VAL B 364 -28.77 -38.62 6.16
CA VAL B 364 -29.68 -37.63 5.60
C VAL B 364 -30.33 -36.79 6.72
N HIS B 365 -30.83 -37.43 7.77
CA HIS B 365 -31.36 -36.65 8.89
C HIS B 365 -30.28 -35.71 9.47
N GLU B 366 -29.09 -36.22 9.76
CA GLU B 366 -28.04 -35.40 10.35
C GLU B 366 -27.61 -34.26 9.44
N ILE B 367 -27.51 -34.55 8.15
CA ILE B 367 -27.16 -33.53 7.13
C ILE B 367 -28.22 -32.39 7.03
N LEU B 368 -29.49 -32.74 7.01
CA LEU B 368 -30.59 -31.76 7.04
C LEU B 368 -30.75 -30.97 8.33
N ASP B 369 -30.65 -31.60 9.48
CA ASP B 369 -30.55 -30.86 10.79
C ASP B 369 -29.37 -29.82 10.83
N GLU B 370 -28.18 -30.26 10.40
CA GLU B 370 -27.02 -29.40 10.28
C GLU B 370 -27.25 -28.08 9.48
N ILE B 371 -27.88 -28.22 8.33
CA ILE B 371 -28.17 -27.15 7.47
C ILE B 371 -29.19 -26.25 8.13
N TYR B 372 -30.25 -26.83 8.72
CA TYR B 372 -31.12 -26.08 9.61
C TYR B 372 -30.39 -25.27 10.73
N TYR B 373 -29.57 -25.93 11.56
CA TYR B 373 -28.80 -25.15 12.55
C TYR B 373 -27.91 -24.01 11.97
N LEU B 374 -27.27 -24.25 10.82
CA LEU B 374 -26.37 -23.25 10.22
C LEU B 374 -27.09 -22.03 9.71
N SER B 375 -28.40 -22.23 9.41
CA SER B 375 -29.25 -21.17 9.01
C SER B 375 -29.58 -20.21 10.16
N LYS B 376 -29.25 -20.62 11.41
CA LYS B 376 -29.41 -19.75 12.58
C LYS B 376 -28.19 -18.89 12.93
N MET B 377 -27.07 -19.13 12.23
CA MET B 377 -25.82 -18.47 12.48
C MET B 377 -25.73 -17.24 11.57
N ASN B 378 -25.64 -16.04 12.16
CA ASN B 378 -25.37 -14.92 11.32
C ASN B 378 -24.74 -13.80 12.13
N TRP B 379 -23.51 -13.41 11.81
CA TRP B 379 -22.82 -12.38 12.62
C TRP B 379 -22.90 -10.97 12.06
N ARG B 380 -23.78 -10.76 11.09
CA ARG B 380 -24.06 -9.46 10.53
C ARG B 380 -24.99 -8.65 11.41
N GLY B 381 -25.83 -9.36 12.19
CA GLY B 381 -26.58 -8.70 13.19
C GLY B 381 -27.26 -9.65 14.15
N PHE B 382 -28.12 -9.11 14.99
CA PHE B 382 -28.86 -9.92 15.99
C PHE B 382 -29.90 -10.84 15.40
N ARG B 383 -30.55 -10.41 14.33
CA ARG B 383 -31.68 -11.14 13.80
C ARG B 383 -31.14 -12.14 12.80
N SER B 384 -31.25 -13.42 13.15
CA SER B 384 -30.98 -14.57 12.33
C SER B 384 -31.34 -14.34 10.83
N ARG B 385 -30.49 -14.83 9.91
CA ARG B 385 -30.83 -14.69 8.48
C ARG B 385 -31.78 -15.81 7.93
N ASN B 386 -31.94 -16.90 8.67
CA ASN B 386 -32.60 -18.09 8.19
C ASN B 386 -32.13 -18.56 6.80
N LEU B 387 -30.88 -18.24 6.45
CA LEU B 387 -30.17 -18.89 5.36
C LEU B 387 -28.85 -19.59 5.84
N PRO B 388 -28.56 -20.84 5.43
CA PRO B 388 -27.29 -21.43 5.94
C PRO B 388 -26.10 -20.49 5.74
N VAL B 389 -25.24 -20.40 6.75
CA VAL B 389 -24.12 -19.47 6.75
C VAL B 389 -23.21 -19.79 5.54
N THR B 390 -23.23 -21.07 5.10
CA THR B 390 -22.38 -21.64 4.01
C THR B 390 -22.84 -21.21 2.66
N VAL B 391 -24.04 -20.66 2.63
CA VAL B 391 -24.62 -20.13 1.38
C VAL B 391 -24.52 -18.59 1.46
N ASN B 392 -24.87 -18.06 2.66
CA ASN B 392 -25.01 -16.64 2.86
C ASN B 392 -23.63 -15.92 2.87
N TYR B 393 -22.64 -16.40 3.62
CA TYR B 393 -21.36 -15.64 3.64
C TYR B 393 -20.70 -15.55 2.26
N PRO B 394 -20.78 -16.62 1.41
CA PRO B 394 -20.39 -16.44 0.00
C PRO B 394 -21.13 -15.36 -0.82
N LYS B 395 -22.43 -15.14 -0.60
CA LYS B 395 -23.13 -14.04 -1.26
C LYS B 395 -22.66 -12.65 -0.85
N LEU B 396 -22.33 -12.49 0.42
CA LEU B 396 -21.81 -11.20 0.90
C LEU B 396 -20.47 -10.88 0.27
N VAL B 397 -19.62 -11.90 0.19
CA VAL B 397 -18.36 -11.79 -0.49
C VAL B 397 -18.60 -11.41 -1.97
N ALA B 398 -19.48 -12.15 -2.62
CA ALA B 398 -19.78 -11.87 -4.05
C ALA B 398 -20.21 -10.44 -4.32
N GLY B 399 -21.06 -9.88 -3.46
CA GLY B 399 -21.54 -8.50 -3.69
C GLY B 399 -20.38 -7.48 -3.61
N ILE B 400 -19.38 -7.75 -2.79
CA ILE B 400 -18.20 -6.87 -2.67
C ILE B 400 -17.24 -7.03 -3.84
N ILE B 401 -16.93 -8.26 -4.19
CA ILE B 401 -16.15 -8.52 -5.37
C ILE B 401 -16.79 -7.96 -6.65
N ALA B 402 -18.07 -8.26 -6.88
CA ALA B 402 -18.76 -7.72 -8.05
C ALA B 402 -18.59 -6.19 -8.08
N ASN B 403 -18.74 -5.54 -6.94
CA ASN B 403 -18.77 -4.08 -6.94
C ASN B 403 -17.43 -3.39 -6.93
N VAL B 404 -16.44 -4.00 -6.29
CA VAL B 404 -15.09 -3.46 -6.29
C VAL B 404 -14.58 -3.53 -7.74
N ASN B 405 -14.83 -4.65 -8.43
CA ASN B 405 -14.48 -4.76 -9.87
C ASN B 405 -15.18 -3.73 -10.77
N ARG B 406 -16.48 -3.52 -10.56
CA ARG B 406 -17.27 -2.57 -11.30
C ARG B 406 -16.87 -1.07 -11.12
N TYR B 407 -16.48 -0.68 -9.90
CA TYR B 407 -16.19 0.73 -9.64
C TYR B 407 -14.71 1.02 -9.51
N GLY B 408 -13.89 0.01 -9.80
CA GLY B 408 -12.45 0.20 -9.79
C GLY B 408 -11.86 0.51 -8.41
N GLY B 409 -12.22 -0.28 -7.39
CA GLY B 409 -11.57 -0.22 -6.08
C GLY B 409 -10.28 -1.04 -6.10
N TYR B 410 -9.57 -1.11 -4.96
CA TYR B 410 -8.38 -1.97 -4.76
C TYR B 410 -8.79 -3.45 -4.76
N PRO B 411 -8.24 -4.24 -5.69
CA PRO B 411 -8.65 -5.66 -5.67
C PRO B 411 -8.39 -6.31 -4.29
N ILE B 412 -9.28 -7.22 -3.92
CA ILE B 412 -9.29 -7.78 -2.59
C ILE B 412 -8.25 -8.89 -2.51
N ASN B 413 -7.19 -8.63 -1.74
CA ASN B 413 -5.97 -9.43 -1.77
C ASN B 413 -5.54 -10.08 -0.39
N PRO B 414 -5.85 -11.35 -0.20
CA PRO B 414 -5.28 -12.11 0.91
C PRO B 414 -3.85 -12.62 0.68
N GLU B 415 -3.16 -12.16 -0.36
CA GLU B 415 -1.71 -12.02 -0.29
C GLU B 415 -1.32 -10.92 0.69
N GLY B 416 -1.53 -9.68 0.29
CA GLY B 416 -1.36 -8.58 1.20
C GLY B 416 -1.64 -8.94 2.64
N ASN B 417 -2.90 -9.22 2.93
CA ASN B 417 -3.43 -9.13 4.29
C ASN B 417 -3.95 -10.49 4.71
N ARG B 418 -3.15 -11.21 5.47
CA ARG B 418 -3.33 -12.66 5.63
C ARG B 418 -4.32 -12.99 6.74
N SER B 419 -4.69 -11.99 7.52
CA SER B 419 -5.82 -12.11 8.45
C SER B 419 -7.17 -12.17 7.70
N LEU B 420 -7.14 -11.92 6.38
CA LEU B 420 -8.35 -11.91 5.54
C LEU B 420 -8.94 -13.32 5.53
N GLN B 421 -8.07 -14.32 5.48
CA GLN B 421 -8.47 -15.70 5.43
C GLN B 421 -9.18 -16.24 6.66
N THR B 422 -9.10 -15.56 7.80
CA THR B 422 -9.61 -16.11 9.02
C THR B 422 -10.55 -15.13 9.70
N ASN B 423 -10.86 -14.01 9.04
CA ASN B 423 -11.76 -13.00 9.62
C ASN B 423 -12.89 -12.61 8.66
N PRO B 424 -14.12 -12.43 9.20
CA PRO B 424 -15.27 -12.09 8.34
C PRO B 424 -15.34 -10.63 7.88
N TRP B 425 -14.35 -10.24 7.08
CA TRP B 425 -14.23 -8.91 6.48
C TRP B 425 -15.45 -8.47 5.63
N PHE B 426 -16.24 -9.48 5.18
CA PHE B 426 -17.31 -9.31 4.22
C PHE B 426 -18.64 -8.90 4.86
N LEU B 427 -18.71 -8.88 6.19
CA LEU B 427 -19.97 -8.66 6.92
C LEU B 427 -20.48 -7.25 6.73
MN MN G . 20.82 4.93 -7.33
MN MN H . -21.70 -4.73 6.82
#